data_1T34
#
_entry.id   1T34
#
_cell.length_a   100.131
_cell.length_b   100.131
_cell.length_c   259.803
_cell.angle_alpha   90.00
_cell.angle_beta   90.00
_cell.angle_gamma   120.00
#
_symmetry.space_group_name_H-M   'P 61'
#
loop_
_entity.id
_entity.type
_entity.pdbx_description
1 polymer 'Atrial natriuretic peptide receptor A'
2 polymer 'Atrial natriuretic peptide factor'
3 branched 2-acetamido-2-deoxy-beta-D-glucopyranose-(1-4)-2-acetamido-2-deoxy-beta-D-glucopyranose
4 non-polymer 'CHLORIDE ION'
#
loop_
_entity_poly.entity_id
_entity_poly.type
_entity_poly.pdbx_seq_one_letter_code
_entity_poly.pdbx_strand_id
1 'polypeptide(L)'
;SDLTVAVVLPLTNTSYPWSWARVGPAVELALARVKARPDLLPGWTVRMVLGSSENAAGVCSDTAAPLAAVDLKWEHSPAV
FLGPGCVYSAAPVGRFTAHWRVPLLTAGAPALGIGVKDEYALTTRTGPSHVKLGDFVTALHRRLGWEHQALVLYADRLGD
DRPCFFIVEGLYMRVRERLNITVNHQEFVEGDPDHYPKLLRAVRRKGRVIYICSSPDAFRNLMLLALNAGLTGEDYVFFH
LDVFGQSLKSAQGLVPQKPWERGDGQDRSARQAFQAAKIITYKEPDNPEYLEFLKQLKLLADKKFNFTVEDGLKNIIPAS
FHDGLLLYVQAVTETLAQGGTVTDGENITQRMWNRSFQGVTGYLKIDRNGDRDTDFSLWDMDPETGAFRVVLNYNGTSQE
LMAVSEHKLYWPLGYPPPDVPKCGFDNEDPACNQD
;
A,B
2 'polypeptide(L)' CFGGRIDRIGAQSGLGCNSFR H
#
# COMPACT_ATOMS: atom_id res chain seq x y z
N SER A 1 -15.41 -5.25 37.68
CA SER A 1 -15.40 -6.68 38.13
C SER A 1 -14.36 -7.49 37.35
N ASP A 2 -14.62 -7.69 36.05
CA ASP A 2 -13.77 -8.49 35.18
C ASP A 2 -13.33 -7.75 33.90
N LEU A 3 -12.03 -7.78 33.63
CA LEU A 3 -11.40 -7.08 32.52
C LEU A 3 -11.37 -7.91 31.24
N THR A 4 -12.18 -7.53 30.26
CA THR A 4 -12.29 -8.27 29.01
C THR A 4 -11.17 -7.93 28.05
N VAL A 5 -10.49 -8.97 27.55
CA VAL A 5 -9.41 -8.85 26.58
C VAL A 5 -9.84 -9.46 25.25
N ALA A 6 -9.79 -8.67 24.18
CA ALA A 6 -10.17 -9.15 22.86
C ALA A 6 -8.97 -9.64 22.07
N VAL A 7 -9.06 -10.86 21.54
CA VAL A 7 -7.97 -11.42 20.74
C VAL A 7 -8.35 -11.60 19.28
N VAL A 8 -7.55 -11.00 18.40
CA VAL A 8 -7.75 -11.18 16.96
C VAL A 8 -6.48 -11.75 16.32
N LEU A 9 -6.45 -13.07 16.19
CA LEU A 9 -5.31 -13.76 15.60
C LEU A 9 -5.79 -15.01 14.86
N PRO A 10 -4.85 -15.69 14.20
CA PRO A 10 -5.15 -16.96 13.51
C PRO A 10 -5.54 -18.05 14.50
N LEU A 11 -6.83 -18.32 14.61
CA LEU A 11 -7.33 -19.31 15.56
C LEU A 11 -7.32 -20.75 15.02
N THR A 12 -6.89 -20.94 13.78
CA THR A 12 -7.00 -22.24 13.16
C THR A 12 -5.76 -22.55 12.35
N ASN A 13 -5.26 -21.59 11.59
CA ASN A 13 -4.02 -21.82 10.85
C ASN A 13 -2.87 -21.79 11.86
N THR A 14 -2.00 -22.80 11.84
CA THR A 14 -0.92 -22.81 12.82
C THR A 14 0.45 -22.65 12.18
N SER A 15 0.55 -21.82 11.14
CA SER A 15 1.82 -21.67 10.46
C SER A 15 2.52 -20.38 10.76
N TYR A 16 1.84 -19.49 11.46
CA TYR A 16 2.36 -18.17 11.77
C TYR A 16 2.97 -18.14 13.15
N PRO A 17 4.09 -17.43 13.29
CA PRO A 17 4.76 -17.29 14.59
C PRO A 17 3.81 -16.71 15.63
N TRP A 18 2.66 -16.23 15.19
CA TRP A 18 1.68 -15.63 16.10
C TRP A 18 0.32 -16.33 16.01
N SER A 19 0.29 -17.59 15.58
CA SER A 19 -0.93 -18.40 15.55
C SER A 19 -1.45 -18.68 16.95
N TRP A 20 -2.75 -18.88 17.08
CA TRP A 20 -3.31 -19.11 18.40
C TRP A 20 -2.75 -20.33 19.10
N ALA A 21 -2.37 -21.33 18.32
CA ALA A 21 -1.76 -22.54 18.83
C ALA A 21 -0.46 -22.26 19.58
N ARG A 22 0.20 -21.16 19.24
CA ARG A 22 1.47 -20.79 19.88
C ARG A 22 1.28 -19.66 20.89
N VAL A 23 0.34 -18.78 20.60
CA VAL A 23 0.12 -17.63 21.47
C VAL A 23 -0.84 -17.99 22.56
N GLY A 24 -1.86 -18.79 22.23
CA GLY A 24 -2.86 -19.20 23.20
C GLY A 24 -2.29 -19.71 24.52
N PRO A 25 -1.45 -20.73 24.43
CA PRO A 25 -0.80 -21.29 25.62
C PRO A 25 0.04 -20.21 26.29
N ALA A 26 0.72 -19.39 25.50
CA ALA A 26 1.55 -18.36 26.11
C ALA A 26 0.68 -17.34 26.89
N VAL A 27 -0.52 -17.07 26.38
CA VAL A 27 -1.44 -16.16 27.03
C VAL A 27 -2.02 -16.83 28.28
N GLU A 28 -2.38 -18.10 28.16
CA GLU A 28 -2.83 -18.88 29.32
C GLU A 28 -1.78 -18.82 30.42
N LEU A 29 -0.52 -19.05 30.05
CA LEU A 29 0.59 -18.97 31.00
C LEU A 29 0.62 -17.61 31.68
N ALA A 30 0.25 -16.57 30.93
CA ALA A 30 0.23 -15.19 31.43
C ALA A 30 -0.92 -14.92 32.39
N LEU A 31 -2.14 -15.29 31.98
CA LEU A 31 -3.32 -15.13 32.85
C LEU A 31 -3.13 -15.91 34.15
N ALA A 32 -2.45 -17.04 34.06
CA ALA A 32 -2.15 -17.86 35.22
C ALA A 32 -1.19 -17.13 36.15
N ARG A 33 -0.08 -16.61 35.59
CA ARG A 33 0.89 -15.86 36.38
C ARG A 33 0.22 -14.65 37.02
N VAL A 34 -0.90 -14.23 36.42
CA VAL A 34 -1.63 -13.08 36.96
C VAL A 34 -2.34 -13.51 38.24
N LYS A 35 -3.21 -14.51 38.15
CA LYS A 35 -3.95 -15.01 39.31
C LYS A 35 -3.05 -15.35 40.52
N ALA A 36 -1.75 -15.53 40.26
CA ALA A 36 -0.77 -15.87 41.29
C ALA A 36 -0.10 -14.63 41.86
N ARG A 37 -0.29 -13.48 41.20
CA ARG A 37 0.22 -12.21 41.70
C ARG A 37 -0.93 -11.39 42.24
N PRO A 38 -1.08 -11.34 43.56
CA PRO A 38 -2.13 -10.53 44.19
C PRO A 38 -1.84 -9.03 44.08
N ASP A 39 -0.60 -8.67 43.74
CA ASP A 39 -0.21 -7.28 43.58
C ASP A 39 -0.59 -6.78 42.18
N LEU A 40 -1.27 -7.62 41.40
CA LEU A 40 -1.70 -7.24 40.08
C LEU A 40 -3.22 -7.31 39.98
N LEU A 41 -3.81 -6.22 39.49
CA LEU A 41 -5.24 -6.08 39.28
C LEU A 41 -6.09 -6.43 40.48
N PRO A 42 -5.94 -5.66 41.57
CA PRO A 42 -6.74 -5.86 42.77
C PRO A 42 -8.22 -5.70 42.45
N GLY A 43 -9.00 -6.73 42.78
CA GLY A 43 -10.43 -6.73 42.53
C GLY A 43 -10.78 -6.74 41.05
N TRP A 44 -10.02 -7.50 40.26
CA TRP A 44 -10.29 -7.59 38.84
C TRP A 44 -9.83 -8.95 38.31
N THR A 45 -10.72 -9.66 37.63
CA THR A 45 -10.37 -10.95 37.03
C THR A 45 -10.49 -10.86 35.51
N VAL A 46 -9.40 -11.19 34.82
CA VAL A 46 -9.29 -11.10 33.37
C VAL A 46 -10.07 -12.15 32.58
N ARG A 47 -10.96 -11.67 31.72
CA ARG A 47 -11.76 -12.53 30.86
C ARG A 47 -11.15 -12.48 29.45
N MET A 48 -11.57 -13.39 28.58
CA MET A 48 -10.98 -13.43 27.24
C MET A 48 -11.91 -13.87 26.12
N VAL A 49 -12.03 -13.02 25.12
CA VAL A 49 -12.83 -13.35 23.96
C VAL A 49 -11.98 -13.53 22.72
N LEU A 50 -12.37 -14.51 21.90
CA LEU A 50 -11.61 -14.88 20.72
C LEU A 50 -12.29 -14.62 19.38
N GLY A 51 -11.48 -14.12 18.44
CA GLY A 51 -11.86 -13.84 17.07
C GLY A 51 -10.69 -14.20 16.15
N SER A 52 -11.04 -14.72 14.97
CA SER A 52 -10.02 -15.15 14.03
C SER A 52 -9.68 -14.04 13.06
N SER A 53 -8.41 -13.95 12.71
CA SER A 53 -7.97 -12.95 11.73
C SER A 53 -7.88 -13.55 10.33
N GLU A 54 -8.01 -14.87 10.26
CA GLU A 54 -7.90 -15.55 8.99
C GLU A 54 -9.23 -15.67 8.23
N ASN A 55 -9.13 -15.71 6.91
CA ASN A 55 -10.32 -15.85 6.09
C ASN A 55 -10.64 -17.30 5.77
N ALA A 56 -11.67 -17.48 4.94
CA ALA A 56 -12.09 -18.80 4.51
C ALA A 56 -10.91 -19.63 4.03
N ALA A 57 -9.99 -19.04 3.27
CA ALA A 57 -8.82 -19.75 2.78
C ALA A 57 -7.87 -20.11 3.91
N GLY A 58 -8.13 -19.58 5.09
CA GLY A 58 -7.33 -19.88 6.26
C GLY A 58 -6.07 -19.05 6.44
N VAL A 59 -5.88 -18.03 5.61
CA VAL A 59 -4.75 -17.11 5.71
C VAL A 59 -5.26 -15.84 6.36
N CYS A 60 -4.38 -15.18 7.09
CA CYS A 60 -4.74 -13.92 7.74
C CYS A 60 -5.06 -12.89 6.65
N SER A 61 -6.18 -12.17 6.80
CA SER A 61 -6.61 -11.20 5.80
C SER A 61 -6.97 -9.86 6.37
N ASP A 62 -6.98 -8.85 5.52
CA ASP A 62 -7.33 -7.49 5.90
C ASP A 62 -8.83 -7.27 5.86
N THR A 63 -9.61 -8.34 5.86
CA THR A 63 -11.06 -8.21 5.82
C THR A 63 -11.66 -8.93 7.02
N ALA A 64 -11.22 -10.16 7.26
CA ALA A 64 -11.70 -10.91 8.41
C ALA A 64 -11.22 -10.28 9.70
N ALA A 65 -9.95 -9.85 9.74
CA ALA A 65 -9.35 -9.26 10.93
C ALA A 65 -10.14 -8.06 11.48
N PRO A 66 -10.31 -7.00 10.70
CA PRO A 66 -11.06 -5.84 11.17
C PRO A 66 -12.51 -6.19 11.43
N LEU A 67 -13.09 -7.05 10.58
CA LEU A 67 -14.49 -7.47 10.75
C LEU A 67 -14.74 -8.19 12.08
N ALA A 68 -13.80 -9.06 12.44
CA ALA A 68 -13.83 -9.80 13.69
C ALA A 68 -13.61 -8.82 14.82
N ALA A 69 -12.80 -7.82 14.57
CA ALA A 69 -12.53 -6.80 15.57
C ALA A 69 -13.78 -6.00 15.85
N VAL A 70 -14.52 -5.68 14.80
CA VAL A 70 -15.73 -4.92 14.98
C VAL A 70 -16.72 -5.75 15.78
N ASP A 71 -16.82 -7.03 15.46
CA ASP A 71 -17.78 -7.90 16.12
C ASP A 71 -17.48 -8.15 17.62
N LEU A 72 -16.21 -8.35 17.93
CA LEU A 72 -15.80 -8.52 19.32
C LEU A 72 -16.06 -7.24 20.11
N LYS A 73 -15.89 -6.09 19.45
CA LYS A 73 -16.13 -4.80 20.08
C LYS A 73 -17.58 -4.63 20.51
N TRP A 74 -18.50 -5.08 19.66
CA TRP A 74 -19.91 -4.91 19.95
C TRP A 74 -20.41 -5.89 21.00
N GLU A 75 -20.05 -7.15 20.83
CA GLU A 75 -20.56 -8.19 21.70
C GLU A 75 -19.92 -8.24 23.07
N HIS A 76 -18.69 -7.75 23.20
CA HIS A 76 -18.00 -7.88 24.48
C HIS A 76 -17.46 -6.59 25.10
N SER A 77 -17.38 -5.52 24.32
CA SER A 77 -16.89 -4.23 24.82
C SER A 77 -15.55 -4.36 25.59
N PRO A 78 -14.50 -4.83 24.92
CA PRO A 78 -13.20 -5.08 25.57
C PRO A 78 -12.41 -3.83 25.94
N ALA A 79 -11.42 -3.98 26.80
CA ALA A 79 -10.63 -2.83 27.22
C ALA A 79 -9.37 -2.81 26.43
N VAL A 80 -9.01 -3.98 25.91
CA VAL A 80 -7.77 -4.13 25.19
C VAL A 80 -7.86 -5.17 24.06
N PHE A 81 -7.08 -4.97 23.00
CA PHE A 81 -7.02 -5.94 21.93
C PHE A 81 -5.65 -6.58 21.87
N LEU A 82 -5.63 -7.85 21.50
CA LEU A 82 -4.40 -8.59 21.35
C LEU A 82 -4.24 -9.05 19.91
N GLY A 83 -3.14 -8.67 19.28
CA GLY A 83 -2.94 -8.97 17.88
C GLY A 83 -3.67 -7.94 17.02
N PRO A 84 -3.75 -8.15 15.72
CA PRO A 84 -3.16 -9.29 15.03
C PRO A 84 -1.66 -9.18 14.82
N GLY A 85 -1.08 -10.20 14.18
CA GLY A 85 0.34 -10.17 13.90
C GLY A 85 0.71 -9.83 12.47
N CYS A 86 -0.14 -10.18 11.50
CA CYS A 86 0.18 -9.93 10.09
C CYS A 86 0.10 -8.45 9.86
N VAL A 87 1.04 -7.90 9.12
CA VAL A 87 1.00 -6.47 8.85
C VAL A 87 -0.33 -5.96 8.28
N TYR A 88 -0.84 -6.62 7.24
CA TYR A 88 -2.07 -6.17 6.59
C TYR A 88 -3.32 -6.48 7.40
N SER A 89 -3.22 -7.37 8.38
CA SER A 89 -4.36 -7.69 9.22
C SER A 89 -4.43 -6.65 10.33
N ALA A 90 -3.25 -6.32 10.86
CA ALA A 90 -3.14 -5.42 11.98
C ALA A 90 -3.48 -3.99 11.60
N ALA A 91 -3.04 -3.59 10.42
CA ALA A 91 -3.15 -2.19 10.01
C ALA A 91 -4.55 -1.67 10.17
N PRO A 92 -5.56 -2.30 9.59
CA PRO A 92 -6.92 -1.81 9.79
C PRO A 92 -7.42 -1.94 11.24
N VAL A 93 -6.99 -2.98 11.95
CA VAL A 93 -7.49 -3.19 13.31
C VAL A 93 -6.97 -2.09 14.24
N GLY A 94 -5.68 -1.79 14.10
CA GLY A 94 -5.06 -0.83 14.98
C GLY A 94 -5.67 0.51 14.70
N ARG A 95 -6.16 0.64 13.49
CA ARG A 95 -6.69 1.88 13.02
C ARG A 95 -8.09 2.04 13.59
N PHE A 96 -8.86 0.96 13.56
CA PHE A 96 -10.16 0.95 14.19
C PHE A 96 -10.04 1.21 15.68
N THR A 97 -9.14 0.48 16.36
CA THR A 97 -9.04 0.57 17.81
C THR A 97 -8.64 1.97 18.30
N ALA A 98 -7.82 2.66 17.51
CA ALA A 98 -7.38 4.01 17.87
C ALA A 98 -8.57 4.97 17.81
N HIS A 99 -9.45 4.74 16.85
CA HIS A 99 -10.66 5.53 16.73
C HIS A 99 -11.55 5.22 17.94
N TRP A 100 -11.59 3.95 18.31
CA TRP A 100 -12.38 3.48 19.43
C TRP A 100 -11.79 3.92 20.76
N ARG A 101 -10.55 4.39 20.71
CA ARG A 101 -9.81 4.78 21.92
C ARG A 101 -9.53 3.55 22.82
N VAL A 102 -9.10 2.44 22.24
CA VAL A 102 -8.85 1.21 22.98
C VAL A 102 -7.42 0.77 22.71
N PRO A 103 -6.66 0.42 23.73
CA PRO A 103 -5.26 0.02 23.50
C PRO A 103 -5.15 -1.27 22.72
N LEU A 104 -4.08 -1.37 21.94
CA LEU A 104 -3.79 -2.57 21.16
C LEU A 104 -2.41 -3.08 21.50
N LEU A 105 -2.33 -4.38 21.72
CA LEU A 105 -1.06 -5.02 22.02
C LEU A 105 -0.75 -6.07 20.98
N THR A 106 0.47 -6.07 20.47
CA THR A 106 0.89 -7.11 19.55
C THR A 106 2.40 -7.17 19.42
N ALA A 107 2.88 -8.39 19.17
CA ALA A 107 4.30 -8.64 18.92
C ALA A 107 4.52 -8.86 17.40
N GLY A 108 3.45 -8.69 16.66
CA GLY A 108 3.52 -8.72 15.21
C GLY A 108 3.50 -7.29 14.71
N ALA A 109 2.88 -7.06 13.56
CA ALA A 109 2.83 -5.73 12.97
C ALA A 109 4.17 -4.97 13.02
N PRO A 110 5.25 -5.59 12.54
CA PRO A 110 6.56 -4.96 12.52
C PRO A 110 6.79 -3.86 11.47
N ALA A 111 5.76 -3.54 10.68
CA ALA A 111 5.89 -2.60 9.57
C ALA A 111 6.11 -1.16 10.03
N LEU A 112 6.84 -0.40 9.21
CA LEU A 112 7.12 0.99 9.50
C LEU A 112 5.86 1.80 9.71
N GLY A 113 4.86 1.57 8.92
CA GLY A 113 3.66 2.36 9.05
C GLY A 113 3.10 2.37 10.46
N ILE A 114 3.16 1.22 11.12
CA ILE A 114 2.57 1.10 12.43
C ILE A 114 3.26 2.06 13.40
N GLY A 115 4.52 2.39 13.10
CA GLY A 115 5.31 3.28 13.94
C GLY A 115 4.72 4.67 14.08
N VAL A 116 4.00 5.12 13.06
CA VAL A 116 3.36 6.41 13.15
C VAL A 116 2.20 6.36 14.13
N LYS A 117 2.47 6.84 15.34
CA LYS A 117 1.48 6.76 16.41
C LYS A 117 0.32 7.72 16.23
N ASP A 118 0.55 8.84 15.54
CA ASP A 118 -0.57 9.74 15.29
C ASP A 118 -1.76 8.98 14.66
N GLU A 119 -1.46 8.09 13.72
CA GLU A 119 -2.48 7.23 13.12
C GLU A 119 -2.72 6.02 14.03
N TYR A 120 -1.65 5.36 14.45
CA TYR A 120 -1.74 4.19 15.34
C TYR A 120 -1.56 4.55 16.79
N ALA A 121 -2.43 5.44 17.29
CA ALA A 121 -2.42 5.82 18.70
C ALA A 121 -2.71 4.56 19.50
N LEU A 122 -2.29 4.53 20.75
CA LEU A 122 -2.66 3.42 21.60
C LEU A 122 -2.23 2.03 21.13
N THR A 123 -1.33 1.98 20.16
CA THR A 123 -0.83 0.70 19.69
C THR A 123 0.52 0.49 20.32
N THR A 124 0.65 -0.49 21.22
CA THR A 124 1.96 -0.76 21.81
C THR A 124 2.54 -2.04 21.27
N ARG A 125 3.76 -1.96 20.74
CA ARG A 125 4.40 -3.10 20.10
C ARG A 125 5.43 -3.75 21.02
N THR A 126 5.11 -4.95 21.50
CA THR A 126 5.98 -5.63 22.47
C THR A 126 6.93 -6.66 21.87
N GLY A 127 6.95 -6.72 20.54
CA GLY A 127 7.83 -7.61 19.78
C GLY A 127 8.72 -6.81 18.84
N PRO A 128 9.37 -7.51 17.91
CA PRO A 128 10.34 -6.89 16.98
C PRO A 128 9.72 -5.89 16.01
N SER A 129 10.53 -4.97 15.49
CA SER A 129 10.09 -3.92 14.57
C SER A 129 11.16 -3.73 13.52
N HIS A 130 10.76 -3.47 12.28
CA HIS A 130 11.74 -3.42 11.22
C HIS A 130 12.51 -2.13 11.24
N VAL A 131 11.97 -1.11 11.88
CA VAL A 131 12.70 0.13 11.99
C VAL A 131 13.94 -0.14 12.82
N LYS A 132 13.76 -0.94 13.87
CA LYS A 132 14.83 -1.27 14.82
C LYS A 132 15.98 -1.92 14.10
N LEU A 133 15.67 -2.71 13.09
CA LEU A 133 16.70 -3.34 12.27
C LEU A 133 17.57 -2.25 11.65
N GLY A 134 16.96 -1.11 11.34
CA GLY A 134 17.69 0.02 10.79
C GLY A 134 18.73 0.53 11.78
N ASP A 135 18.37 0.51 13.06
CA ASP A 135 19.27 0.93 14.11
C ASP A 135 20.50 0.03 14.08
N PHE A 136 20.26 -1.28 14.02
CA PHE A 136 21.33 -2.27 13.98
C PHE A 136 22.26 -2.06 12.79
N VAL A 137 21.66 -1.77 11.63
CA VAL A 137 22.41 -1.56 10.40
C VAL A 137 23.27 -0.31 10.53
N THR A 138 22.69 0.74 11.10
CA THR A 138 23.41 1.98 11.37
C THR A 138 24.62 1.64 12.23
N ALA A 139 24.37 0.85 13.27
CA ALA A 139 25.41 0.42 14.19
C ALA A 139 26.54 -0.30 13.48
N LEU A 140 26.19 -1.23 12.60
CA LEU A 140 27.18 -2.03 11.89
C LEU A 140 28.06 -1.16 11.01
N HIS A 141 27.43 -0.20 10.36
CA HIS A 141 28.12 0.67 9.42
C HIS A 141 29.07 1.60 10.13
N ARG A 142 28.62 2.10 11.27
CA ARG A 142 29.45 2.94 12.11
C ARG A 142 30.66 2.13 12.56
N ARG A 143 30.43 1.00 13.24
CA ARG A 143 31.56 0.17 13.66
C ARG A 143 32.54 -0.11 12.52
N LEU A 144 32.02 -0.33 11.32
CA LEU A 144 32.89 -0.69 10.21
C LEU A 144 33.15 0.43 9.19
N GLY A 145 32.84 1.67 9.58
CA GLY A 145 33.09 2.82 8.73
C GLY A 145 32.59 2.72 7.30
N TRP A 146 31.28 2.90 7.12
CA TRP A 146 30.68 2.89 5.79
C TRP A 146 29.74 4.09 5.67
N GLU A 147 30.23 5.14 5.03
CA GLU A 147 29.49 6.39 4.94
C GLU A 147 29.21 6.81 3.50
N HIS A 148 28.94 5.84 2.64
CA HIS A 148 28.69 6.16 1.24
C HIS A 148 27.52 5.38 0.63
N GLN A 149 27.69 4.09 0.42
CA GLN A 149 26.70 3.32 -0.31
C GLN A 149 26.45 1.92 0.22
N ALA A 150 25.24 1.43 -0.03
CA ALA A 150 24.84 0.07 0.35
C ALA A 150 23.76 -0.40 -0.61
N LEU A 151 23.74 -1.71 -0.88
CA LEU A 151 22.75 -2.29 -1.79
C LEU A 151 21.87 -3.35 -1.13
N VAL A 152 20.56 -3.13 -1.20
CA VAL A 152 19.59 -4.04 -0.60
C VAL A 152 18.74 -4.75 -1.66
N LEU A 153 18.77 -6.07 -1.66
CA LEU A 153 17.90 -6.83 -2.54
C LEU A 153 16.89 -7.59 -1.69
N TYR A 154 15.67 -7.73 -2.19
CA TYR A 154 14.62 -8.38 -1.45
C TYR A 154 13.66 -9.10 -2.39
N ALA A 155 13.16 -10.22 -1.93
CA ALA A 155 12.32 -11.05 -2.76
C ALA A 155 11.01 -11.18 -2.08
N ASP A 156 9.95 -11.22 -2.86
CA ASP A 156 8.62 -11.35 -2.31
C ASP A 156 7.58 -11.42 -3.44
N ARG A 157 6.60 -12.31 -3.24
CA ARG A 157 5.42 -12.41 -4.12
C ARG A 157 4.57 -11.12 -4.04
N LEU A 158 3.34 -11.18 -4.56
CA LEU A 158 2.41 -10.07 -4.47
C LEU A 158 1.17 -10.47 -3.63
N GLY A 159 0.86 -11.77 -3.58
CA GLY A 159 -0.29 -12.27 -2.83
C GLY A 159 0.04 -12.89 -1.49
N ASP A 160 0.60 -12.09 -0.58
CA ASP A 160 0.98 -12.57 0.75
C ASP A 160 1.16 -11.36 1.66
N ASP A 161 1.73 -11.58 2.83
CA ASP A 161 1.94 -10.49 3.75
C ASP A 161 3.21 -9.69 3.39
N ARG A 162 3.90 -10.05 2.30
CA ARG A 162 5.13 -9.39 1.86
C ARG A 162 6.13 -9.10 2.97
N PRO A 163 6.54 -10.14 3.69
CA PRO A 163 7.40 -9.95 4.86
C PRO A 163 8.74 -9.31 4.54
N CYS A 164 9.34 -9.69 3.41
CA CYS A 164 10.67 -9.19 3.04
C CYS A 164 10.64 -7.78 2.50
N PHE A 165 9.47 -7.30 2.15
CA PHE A 165 9.38 -5.94 1.67
C PHE A 165 9.36 -5.05 2.88
N PHE A 166 8.50 -5.37 3.84
CA PHE A 166 8.44 -4.60 5.07
C PHE A 166 9.77 -4.57 5.85
N ILE A 167 10.50 -5.67 5.85
CA ILE A 167 11.79 -5.70 6.53
C ILE A 167 12.70 -4.66 5.88
N VAL A 168 12.86 -4.77 4.56
CA VAL A 168 13.73 -3.84 3.85
C VAL A 168 13.19 -2.41 4.00
N GLU A 169 11.87 -2.27 3.98
CA GLU A 169 11.25 -0.96 4.16
C GLU A 169 11.72 -0.29 5.45
N GLY A 170 11.81 -1.04 6.54
CA GLY A 170 12.23 -0.48 7.79
C GLY A 170 13.69 -0.08 7.75
N LEU A 171 14.52 -0.98 7.24
CA LEU A 171 15.95 -0.74 7.15
C LEU A 171 16.22 0.49 6.31
N TYR A 172 15.56 0.57 5.16
CA TYR A 172 15.78 1.64 4.22
C TYR A 172 15.52 2.99 4.84
N MET A 173 14.38 3.11 5.51
CA MET A 173 13.93 4.41 6.01
C MET A 173 14.67 4.91 7.24
N ARG A 174 14.98 4.00 8.15
CA ARG A 174 15.69 4.36 9.36
C ARG A 174 17.18 4.62 9.08
N VAL A 175 17.78 3.87 8.16
CA VAL A 175 19.20 4.02 7.89
C VAL A 175 19.45 5.35 7.21
N ARG A 176 18.58 5.69 6.26
CA ARG A 176 18.72 6.91 5.50
C ARG A 176 18.40 8.12 6.40
N GLU A 177 17.65 7.85 7.46
CA GLU A 177 17.28 8.87 8.43
C GLU A 177 18.48 9.20 9.29
N ARG A 178 19.37 8.23 9.46
CA ARG A 178 20.50 8.39 10.37
C ARG A 178 21.88 8.52 9.71
N LEU A 179 22.09 7.94 8.54
CA LEU A 179 23.41 7.98 7.92
C LEU A 179 23.57 8.71 6.59
N ASN A 180 22.47 9.10 5.95
CA ASN A 180 22.56 9.83 4.69
C ASN A 180 23.16 9.03 3.51
N ILE A 181 23.81 7.91 3.81
CA ILE A 181 24.39 7.06 2.77
C ILE A 181 23.36 6.70 1.71
N THR A 182 23.81 6.66 0.46
CA THR A 182 22.94 6.27 -0.64
C THR A 182 22.73 4.76 -0.57
N VAL A 183 21.45 4.37 -0.40
CA VAL A 183 21.04 2.96 -0.30
C VAL A 183 20.32 2.53 -1.56
N ASN A 184 20.87 1.56 -2.28
CA ASN A 184 20.17 1.08 -3.46
C ASN A 184 19.34 -0.15 -3.16
N HIS A 185 18.13 -0.18 -3.73
CA HIS A 185 17.21 -1.27 -3.51
C HIS A 185 16.81 -1.93 -4.82
N GLN A 186 16.61 -3.24 -4.80
CA GLN A 186 16.19 -3.99 -5.97
C GLN A 186 15.30 -5.15 -5.55
N GLU A 187 14.10 -5.23 -6.12
CA GLU A 187 13.21 -6.29 -5.73
C GLU A 187 13.32 -7.35 -6.79
N PHE A 188 13.17 -8.62 -6.43
CA PHE A 188 13.14 -9.65 -7.45
C PHE A 188 12.13 -10.73 -7.10
N VAL A 189 11.85 -11.63 -8.04
CA VAL A 189 10.98 -12.79 -7.76
C VAL A 189 11.80 -14.07 -7.68
N GLU A 190 11.74 -14.77 -6.54
CA GLU A 190 12.59 -15.95 -6.32
C GLU A 190 12.46 -17.03 -7.42
N GLY A 191 11.23 -17.45 -7.69
CA GLY A 191 10.93 -18.43 -8.71
C GLY A 191 11.41 -18.09 -10.13
N ASP A 192 11.36 -16.82 -10.53
CA ASP A 192 11.75 -16.49 -11.89
C ASP A 192 13.25 -16.33 -12.03
N PRO A 193 13.87 -17.13 -12.93
CA PRO A 193 15.32 -17.11 -13.15
C PRO A 193 15.79 -15.85 -13.89
N ASP A 194 14.92 -15.24 -14.71
CA ASP A 194 15.26 -13.99 -15.41
C ASP A 194 15.95 -12.98 -14.50
N HIS A 195 15.54 -12.93 -13.23
CA HIS A 195 16.10 -11.99 -12.28
C HIS A 195 17.51 -12.26 -11.84
N TYR A 196 18.01 -13.45 -12.08
CA TYR A 196 19.34 -13.78 -11.56
C TYR A 196 20.49 -13.09 -12.27
N PRO A 197 20.45 -13.05 -13.59
CA PRO A 197 21.53 -12.38 -14.34
C PRO A 197 21.36 -10.88 -14.16
N LYS A 198 20.17 -10.51 -13.70
CA LYS A 198 19.83 -9.13 -13.43
C LYS A 198 20.41 -8.72 -12.09
N LEU A 199 20.22 -9.58 -11.08
CA LEU A 199 20.68 -9.31 -9.73
C LEU A 199 22.18 -9.18 -9.65
N LEU A 200 22.89 -10.18 -10.18
CA LEU A 200 24.35 -10.15 -10.20
C LEU A 200 24.85 -8.82 -10.75
N ARG A 201 24.38 -8.49 -11.96
CA ARG A 201 24.71 -7.23 -12.61
C ARG A 201 24.51 -6.07 -11.63
N ALA A 202 23.43 -6.11 -10.86
CA ALA A 202 23.11 -5.06 -9.90
C ALA A 202 24.08 -5.07 -8.74
N VAL A 203 24.40 -6.27 -8.26
CA VAL A 203 25.36 -6.44 -7.18
C VAL A 203 26.70 -5.91 -7.66
N ARG A 204 27.08 -6.32 -8.87
CA ARG A 204 28.33 -5.91 -9.51
C ARG A 204 28.41 -4.39 -9.74
N ARG A 205 27.28 -3.71 -9.84
CA ARG A 205 27.26 -2.29 -10.21
C ARG A 205 26.76 -1.30 -9.16
N LYS A 206 25.92 -1.76 -8.23
CA LYS A 206 25.30 -0.83 -7.27
C LYS A 206 25.76 -0.91 -5.80
N GLY A 207 26.57 -1.90 -5.46
CA GLY A 207 27.04 -1.97 -4.09
C GLY A 207 28.13 -2.96 -3.76
N ARG A 208 28.69 -2.79 -2.56
CA ARG A 208 29.70 -3.67 -2.01
C ARG A 208 29.18 -4.30 -0.71
N VAL A 209 28.53 -3.47 0.12
CA VAL A 209 27.91 -3.95 1.35
C VAL A 209 26.50 -4.38 0.98
N ILE A 210 26.30 -5.67 0.78
CA ILE A 210 25.02 -6.16 0.27
C ILE A 210 24.14 -6.89 1.26
N TYR A 211 22.89 -6.45 1.38
CA TYR A 211 21.95 -7.07 2.28
C TYR A 211 20.90 -7.78 1.45
N ILE A 212 20.72 -9.07 1.68
CA ILE A 212 19.75 -9.87 0.94
C ILE A 212 18.62 -10.40 1.84
N CYS A 213 17.36 -10.08 1.46
CA CYS A 213 16.21 -10.56 2.21
C CYS A 213 15.43 -11.49 1.34
N SER A 214 15.61 -12.79 1.57
CA SER A 214 15.01 -13.86 0.77
C SER A 214 14.93 -15.13 1.55
N SER A 215 14.38 -16.16 0.92
CA SER A 215 14.30 -17.50 1.51
C SER A 215 15.70 -18.07 1.58
N PRO A 216 15.93 -18.97 2.54
CA PRO A 216 17.26 -19.54 2.79
C PRO A 216 17.83 -20.18 1.53
N ASP A 217 16.98 -20.79 0.69
CA ASP A 217 17.40 -21.41 -0.56
C ASP A 217 17.86 -20.42 -1.61
N ALA A 218 17.23 -19.25 -1.62
CA ALA A 218 17.53 -18.21 -2.58
C ALA A 218 18.85 -17.54 -2.24
N PHE A 219 19.10 -17.33 -0.95
CA PHE A 219 20.33 -16.70 -0.53
C PHE A 219 21.51 -17.62 -0.86
N ARG A 220 21.27 -18.93 -0.81
CA ARG A 220 22.29 -19.92 -1.16
C ARG A 220 22.75 -19.74 -2.61
N ASN A 221 21.79 -19.94 -3.50
CA ASN A 221 21.98 -19.82 -4.93
C ASN A 221 22.65 -18.53 -5.31
N LEU A 222 22.27 -17.46 -4.64
CA LEU A 222 22.89 -16.19 -4.95
C LEU A 222 24.38 -16.20 -4.55
N MET A 223 24.67 -16.86 -3.45
CA MET A 223 26.05 -16.86 -2.99
C MET A 223 26.90 -17.73 -3.87
N LEU A 224 26.27 -18.75 -4.46
CA LEU A 224 26.99 -19.62 -5.38
C LEU A 224 27.37 -18.81 -6.61
N LEU A 225 26.38 -18.20 -7.25
CA LEU A 225 26.61 -17.42 -8.45
C LEU A 225 27.58 -16.27 -8.23
N ALA A 226 27.59 -15.72 -7.02
CA ALA A 226 28.51 -14.65 -6.67
C ALA A 226 29.98 -15.08 -6.80
N LEU A 227 30.24 -16.33 -6.43
CA LEU A 227 31.58 -16.93 -6.51
C LEU A 227 32.08 -16.89 -7.96
N ASN A 228 31.35 -17.58 -8.84
CA ASN A 228 31.66 -17.64 -10.26
C ASN A 228 32.02 -16.30 -10.85
N ALA A 229 31.33 -15.26 -10.41
CA ALA A 229 31.57 -13.92 -10.93
C ALA A 229 32.93 -13.37 -10.47
N GLY A 230 33.46 -13.95 -9.39
CA GLY A 230 34.74 -13.51 -8.85
C GLY A 230 34.52 -12.46 -7.77
N LEU A 231 33.37 -12.54 -7.11
CA LEU A 231 33.07 -11.62 -6.00
C LEU A 231 33.25 -12.38 -4.68
N THR A 232 34.23 -11.94 -3.91
CA THR A 232 34.56 -12.58 -2.65
C THR A 232 34.82 -11.55 -1.56
N GLY A 233 35.09 -12.05 -0.36
CA GLY A 233 35.37 -11.22 0.80
C GLY A 233 36.28 -10.04 0.47
N GLU A 234 37.15 -10.26 -0.52
CA GLU A 234 38.08 -9.24 -1.00
C GLU A 234 37.39 -7.87 -1.15
N ASP A 235 36.38 -7.83 -2.02
CA ASP A 235 35.68 -6.58 -2.31
C ASP A 235 34.23 -6.55 -1.87
N TYR A 236 33.60 -7.71 -1.73
CA TYR A 236 32.17 -7.75 -1.42
C TYR A 236 31.85 -8.45 -0.10
N VAL A 237 30.69 -8.11 0.46
CA VAL A 237 30.17 -8.74 1.67
C VAL A 237 28.64 -8.87 1.57
N PHE A 238 28.14 -10.03 1.97
CA PHE A 238 26.72 -10.36 1.81
C PHE A 238 25.97 -10.66 3.10
N PHE A 239 25.05 -9.79 3.50
CA PHE A 239 24.29 -10.03 4.71
C PHE A 239 22.96 -10.66 4.35
N HIS A 240 22.64 -11.78 4.97
CA HIS A 240 21.33 -12.38 4.79
C HIS A 240 20.39 -11.93 5.90
N LEU A 241 19.39 -11.13 5.57
CA LEU A 241 18.46 -10.64 6.57
C LEU A 241 17.50 -11.75 6.97
N ASP A 242 18.02 -12.77 7.65
CA ASP A 242 17.19 -13.87 8.08
C ASP A 242 16.75 -13.68 9.53
N VAL A 243 15.80 -12.78 9.77
CA VAL A 243 15.44 -12.42 11.15
C VAL A 243 14.96 -13.56 12.05
N PHE A 244 14.07 -14.42 11.57
CA PHE A 244 13.61 -15.53 12.41
C PHE A 244 14.48 -16.76 12.25
N GLY A 245 15.69 -16.58 11.71
CA GLY A 245 16.65 -17.64 11.45
C GLY A 245 16.10 -18.90 10.79
N GLN A 246 15.44 -18.74 9.65
CA GLN A 246 14.90 -19.89 8.95
C GLN A 246 16.02 -20.72 8.34
N SER A 247 17.15 -20.10 8.04
CA SER A 247 18.28 -20.83 7.46
C SER A 247 18.99 -21.77 8.45
N LEU A 248 18.79 -21.56 9.75
CA LEU A 248 19.42 -22.44 10.74
C LEU A 248 18.41 -23.35 11.46
N LYS A 249 18.89 -24.44 12.02
CA LYS A 249 18.02 -25.31 12.81
C LYS A 249 18.27 -24.98 14.29
N SER A 250 17.20 -24.96 15.09
CA SER A 250 17.31 -24.63 16.51
C SER A 250 17.42 -25.88 17.40
N ALA A 251 17.60 -25.64 18.70
CA ALA A 251 17.75 -26.71 19.71
C ALA A 251 18.67 -27.86 19.29
N GLN A 252 19.88 -27.52 18.84
CA GLN A 252 20.86 -28.51 18.44
C GLN A 252 21.62 -29.00 19.67
N GLY A 253 21.24 -28.45 20.83
CA GLY A 253 21.90 -28.74 22.09
C GLY A 253 23.08 -27.79 22.24
N LEU A 254 24.22 -28.22 21.70
CA LEU A 254 25.43 -27.41 21.63
C LEU A 254 26.09 -27.75 20.28
N VAL A 255 25.67 -27.09 19.21
CA VAL A 255 26.16 -27.48 17.87
C VAL A 255 26.47 -26.38 16.82
N PRO A 256 27.71 -26.42 16.31
CA PRO A 256 28.13 -25.56 15.19
C PRO A 256 27.18 -25.70 13.98
N GLN A 257 26.44 -24.63 13.67
CA GLN A 257 25.38 -24.61 12.63
C GLN A 257 25.83 -24.52 11.17
N LYS A 258 25.32 -25.44 10.34
CA LYS A 258 25.58 -25.43 8.89
C LYS A 258 24.41 -24.78 8.14
N PRO A 259 24.51 -23.48 7.87
CA PRO A 259 23.39 -22.71 7.31
C PRO A 259 23.05 -23.24 5.93
N TRP A 260 24.09 -23.39 5.13
CA TRP A 260 23.94 -23.80 3.73
C TRP A 260 23.76 -25.32 3.57
N GLU A 261 23.98 -26.09 4.64
CA GLU A 261 23.93 -27.55 4.54
C GLU A 261 22.80 -28.06 3.65
N ARG A 262 23.13 -28.62 2.47
CA ARG A 262 22.07 -29.16 1.62
C ARG A 262 22.38 -30.50 1.01
N GLY A 263 23.68 -30.80 0.88
CA GLY A 263 24.16 -32.10 0.41
C GLY A 263 23.88 -32.45 -1.04
N ASP A 264 24.26 -31.54 -1.93
CA ASP A 264 24.03 -31.65 -3.37
C ASP A 264 25.33 -31.60 -4.15
N GLY A 265 26.45 -31.55 -3.43
CA GLY A 265 27.76 -31.49 -4.04
C GLY A 265 28.36 -30.10 -4.13
N GLN A 266 27.52 -29.08 -4.17
CA GLN A 266 28.00 -27.71 -4.26
C GLN A 266 28.42 -27.15 -2.90
N ASP A 267 28.53 -28.04 -1.92
CA ASP A 267 28.81 -27.65 -0.55
C ASP A 267 30.19 -27.05 -0.34
N ARG A 268 31.17 -27.50 -1.12
CA ARG A 268 32.52 -26.96 -1.01
C ARG A 268 32.57 -25.58 -1.64
N SER A 269 32.00 -25.47 -2.84
CA SER A 269 31.94 -24.19 -3.55
C SER A 269 31.13 -23.21 -2.68
N ALA A 270 30.05 -23.71 -2.10
CA ALA A 270 29.16 -22.95 -1.23
C ALA A 270 29.94 -22.25 -0.12
N ARG A 271 30.62 -23.07 0.67
CA ARG A 271 31.40 -22.60 1.80
C ARG A 271 32.40 -21.53 1.37
N GLN A 272 32.97 -21.68 0.18
CA GLN A 272 33.93 -20.68 -0.32
C GLN A 272 33.29 -19.28 -0.36
N ALA A 273 32.11 -19.19 -0.98
CA ALA A 273 31.40 -17.91 -1.10
C ALA A 273 30.78 -17.54 0.24
N PHE A 274 30.33 -18.57 0.96
CA PHE A 274 29.72 -18.37 2.26
C PHE A 274 30.69 -17.75 3.26
N GLN A 275 31.87 -17.40 2.77
CA GLN A 275 32.87 -16.68 3.55
C GLN A 275 32.49 -15.18 3.59
N ALA A 276 32.04 -14.67 2.45
CA ALA A 276 31.58 -13.29 2.37
C ALA A 276 30.19 -13.14 2.99
N ALA A 277 29.57 -14.28 3.32
CA ALA A 277 28.23 -14.31 3.88
C ALA A 277 28.20 -14.21 5.41
N LYS A 278 27.33 -13.33 5.90
CA LYS A 278 27.08 -13.15 7.33
C LYS A 278 25.55 -13.13 7.49
N ILE A 279 25.04 -13.77 8.54
CA ILE A 279 23.59 -13.94 8.68
C ILE A 279 22.96 -13.13 9.81
N ILE A 280 22.01 -12.25 9.52
CA ILE A 280 21.45 -11.43 10.59
C ILE A 280 20.12 -11.98 11.07
N THR A 281 20.03 -12.29 12.35
CA THR A 281 18.76 -12.78 12.88
C THR A 281 18.40 -12.02 14.15
N TYR A 282 17.25 -12.34 14.71
CA TYR A 282 16.89 -11.83 16.01
C TYR A 282 17.80 -12.54 17.02
N LYS A 283 18.02 -11.92 18.16
CA LYS A 283 18.80 -12.55 19.23
C LYS A 283 17.93 -13.40 20.12
N GLU A 284 18.42 -14.61 20.44
CA GLU A 284 17.68 -15.48 21.35
C GLU A 284 17.95 -15.10 22.81
N PRO A 285 16.89 -14.90 23.59
CA PRO A 285 17.08 -14.53 24.98
C PRO A 285 17.99 -15.55 25.65
N ASP A 286 18.86 -15.07 26.54
CA ASP A 286 19.81 -15.88 27.29
C ASP A 286 19.28 -16.29 28.66
N ASN A 287 18.53 -15.40 29.31
CA ASN A 287 18.00 -15.66 30.64
C ASN A 287 17.31 -17.03 30.81
N PRO A 288 17.39 -17.59 32.01
CA PRO A 288 16.81 -18.91 32.30
C PRO A 288 15.28 -18.90 32.32
N GLU A 289 14.68 -17.72 32.49
CA GLU A 289 13.22 -17.67 32.55
C GLU A 289 12.64 -18.02 31.19
N TYR A 290 13.39 -17.72 30.15
CA TYR A 290 13.00 -18.03 28.78
C TYR A 290 12.95 -19.55 28.57
N LEU A 291 14.08 -20.21 28.81
CA LEU A 291 14.16 -21.67 28.67
C LEU A 291 13.02 -22.39 29.41
N GLU A 292 12.78 -21.99 30.66
CA GLU A 292 11.69 -22.56 31.45
C GLU A 292 10.30 -22.24 30.87
N PHE A 293 10.21 -21.12 30.16
CA PHE A 293 8.96 -20.69 29.59
C PHE A 293 8.64 -21.59 28.39
N LEU A 294 9.66 -21.87 27.59
CA LEU A 294 9.50 -22.71 26.40
C LEU A 294 9.04 -24.10 26.78
N LYS A 295 9.56 -24.60 27.89
CA LYS A 295 9.17 -25.93 28.34
C LYS A 295 7.69 -25.93 28.71
N GLN A 296 7.25 -24.88 29.38
CA GLN A 296 5.85 -24.83 29.76
C GLN A 296 5.01 -24.59 28.52
N LEU A 297 5.53 -23.74 27.63
CA LEU A 297 4.81 -23.42 26.39
C LEU A 297 4.58 -24.68 25.55
N LYS A 298 5.64 -25.47 25.37
CA LYS A 298 5.58 -26.72 24.64
C LYS A 298 4.53 -27.66 25.21
N LEU A 299 4.66 -27.95 26.51
CA LEU A 299 3.76 -28.87 27.20
C LEU A 299 2.32 -28.45 27.09
N LEU A 300 2.05 -27.14 27.24
CA LEU A 300 0.68 -26.67 27.28
C LEU A 300 0.00 -26.64 25.91
N ALA A 301 0.81 -26.39 24.88
CA ALA A 301 0.32 -26.38 23.50
C ALA A 301 -0.01 -27.80 23.06
N ASP A 302 0.83 -28.74 23.51
CA ASP A 302 0.66 -30.13 23.17
C ASP A 302 -0.56 -30.64 23.92
N LYS A 303 -0.75 -30.14 25.13
CA LYS A 303 -1.78 -30.67 26.04
C LYS A 303 -3.22 -30.20 25.82
N LYS A 304 -3.40 -28.94 25.41
CA LYS A 304 -4.74 -28.36 25.30
C LYS A 304 -4.98 -27.61 23.98
N PHE A 305 -3.91 -27.43 23.20
CA PHE A 305 -4.03 -26.73 21.93
C PHE A 305 -3.83 -27.67 20.74
N ASN A 306 -3.42 -28.91 21.03
CA ASN A 306 -3.24 -29.94 20.01
C ASN A 306 -2.13 -29.62 19.01
N PHE A 307 -1.09 -28.92 19.45
CA PHE A 307 -0.03 -28.52 18.54
C PHE A 307 1.31 -28.85 19.16
N THR A 308 2.32 -29.00 18.31
CA THR A 308 3.64 -29.34 18.79
C THR A 308 4.55 -28.16 18.57
N VAL A 309 4.88 -27.43 19.63
CA VAL A 309 5.73 -26.26 19.46
C VAL A 309 7.17 -26.68 19.28
N GLU A 310 7.69 -26.51 18.07
CA GLU A 310 9.10 -26.76 17.79
C GLU A 310 9.97 -25.63 18.34
N ASP A 311 11.29 -25.81 18.29
CA ASP A 311 12.22 -24.80 18.78
C ASP A 311 12.62 -23.84 17.67
N GLY A 312 12.90 -22.60 18.02
CA GLY A 312 13.28 -21.60 17.03
C GLY A 312 13.00 -20.15 17.37
N LEU A 313 13.64 -19.24 16.67
CA LEU A 313 13.51 -17.81 16.98
C LEU A 313 12.06 -17.33 16.91
N LYS A 314 11.22 -18.03 16.15
CA LYS A 314 9.82 -17.65 16.00
C LYS A 314 9.13 -17.72 17.37
N ASN A 315 9.73 -18.44 18.30
CA ASN A 315 9.17 -18.55 19.63
C ASN A 315 9.20 -17.26 20.48
N ILE A 316 10.00 -16.27 20.09
CA ILE A 316 10.03 -15.02 20.83
C ILE A 316 8.73 -14.23 20.59
N ILE A 317 8.01 -14.51 19.50
CA ILE A 317 6.77 -13.80 19.23
C ILE A 317 5.75 -14.14 20.31
N PRO A 318 5.47 -15.42 20.55
CA PRO A 318 4.56 -15.82 21.64
C PRO A 318 5.14 -15.50 23.04
N ALA A 319 6.46 -15.45 23.15
CA ALA A 319 7.06 -15.05 24.41
C ALA A 319 6.83 -13.56 24.60
N SER A 320 6.81 -12.84 23.48
CA SER A 320 6.63 -11.41 23.56
C SER A 320 5.16 -11.07 23.81
N PHE A 321 4.30 -11.96 23.38
CA PHE A 321 2.88 -11.78 23.62
C PHE A 321 2.65 -11.94 25.11
N HIS A 322 3.27 -12.97 25.70
CA HIS A 322 3.14 -13.30 27.12
C HIS A 322 3.57 -12.09 27.94
N ASP A 323 4.74 -11.55 27.63
CA ASP A 323 5.31 -10.41 28.31
C ASP A 323 4.48 -9.15 28.14
N GLY A 324 4.02 -8.93 26.92
CA GLY A 324 3.22 -7.75 26.64
C GLY A 324 1.97 -7.69 27.48
N LEU A 325 1.31 -8.84 27.66
CA LEU A 325 0.06 -8.91 28.39
C LEU A 325 0.31 -8.67 29.87
N LEU A 326 1.50 -9.02 30.30
CA LEU A 326 1.86 -8.85 31.68
C LEU A 326 2.16 -7.39 31.84
N LEU A 327 2.90 -6.85 30.87
CA LEU A 327 3.26 -5.43 30.89
C LEU A 327 2.01 -4.54 30.93
N TYR A 328 0.98 -4.94 30.20
CA TYR A 328 -0.28 -4.22 30.19
C TYR A 328 -0.95 -4.32 31.57
N VAL A 329 -1.01 -5.52 32.14
CA VAL A 329 -1.62 -5.70 33.46
C VAL A 329 -0.96 -4.85 34.58
N GLN A 330 0.35 -4.68 34.54
CA GLN A 330 1.03 -3.87 35.54
C GLN A 330 0.52 -2.45 35.41
N ALA A 331 0.41 -1.99 34.16
CA ALA A 331 -0.02 -0.64 33.85
C ALA A 331 -1.44 -0.40 34.29
N VAL A 332 -2.33 -1.33 34.01
CA VAL A 332 -3.72 -1.15 34.42
C VAL A 332 -3.76 -1.05 35.92
N THR A 333 -2.98 -1.90 36.57
CA THR A 333 -2.90 -1.93 38.02
C THR A 333 -2.42 -0.57 38.52
N GLU A 334 -1.38 -0.03 37.90
CA GLU A 334 -0.86 1.29 38.28
C GLU A 334 -1.93 2.38 38.11
N THR A 335 -2.67 2.27 37.01
CA THR A 335 -3.74 3.22 36.69
C THR A 335 -4.82 3.22 37.75
N LEU A 336 -5.16 2.01 38.22
CA LEU A 336 -6.18 1.85 39.24
C LEU A 336 -5.71 2.44 40.58
N ALA A 337 -4.43 2.26 40.87
CA ALA A 337 -3.82 2.70 42.14
C ALA A 337 -3.85 4.22 42.28
N GLN A 338 -3.99 4.91 41.16
CA GLN A 338 -4.05 6.36 41.17
C GLN A 338 -5.43 6.84 40.74
N GLY A 339 -6.43 5.97 40.92
CA GLY A 339 -7.81 6.35 40.68
C GLY A 339 -8.28 6.42 39.24
N GLY A 340 -7.58 5.73 38.34
CA GLY A 340 -7.97 5.69 36.95
C GLY A 340 -8.74 4.40 36.66
N THR A 341 -9.74 4.47 35.79
CA THR A 341 -10.52 3.28 35.42
C THR A 341 -9.76 2.43 34.41
N VAL A 342 -10.25 1.21 34.17
CA VAL A 342 -9.59 0.28 33.23
C VAL A 342 -9.74 0.69 31.79
N THR A 343 -10.74 1.50 31.49
CA THR A 343 -10.97 1.93 30.13
C THR A 343 -10.18 3.19 29.78
N ASP A 344 -9.26 3.59 30.64
CA ASP A 344 -8.42 4.76 30.42
C ASP A 344 -7.26 4.35 29.55
N GLY A 345 -7.54 4.13 28.28
CA GLY A 345 -6.52 3.76 27.31
C GLY A 345 -5.33 4.72 27.32
N GLU A 346 -5.59 5.97 26.97
CA GLU A 346 -4.52 6.93 26.87
C GLU A 346 -3.51 6.81 28.02
N ASN A 347 -4.01 6.63 29.24
CA ASN A 347 -3.15 6.57 30.42
C ASN A 347 -2.38 5.26 30.51
N ILE A 348 -3.13 4.14 30.44
CA ILE A 348 -2.51 2.81 30.46
C ILE A 348 -1.38 2.70 29.45
N THR A 349 -1.60 3.21 28.26
CA THR A 349 -0.57 3.23 27.25
C THR A 349 0.67 3.97 27.71
N GLN A 350 0.51 5.22 28.13
CA GLN A 350 1.67 6.04 28.52
C GLN A 350 2.42 5.46 29.71
N ARG A 351 1.72 4.64 30.49
CA ARG A 351 2.33 3.97 31.62
C ARG A 351 3.22 2.86 31.11
N MET A 352 2.89 2.38 29.90
CA MET A 352 3.64 1.33 29.28
C MET A 352 4.78 1.84 28.44
N TRP A 353 4.63 3.04 27.90
CA TRP A 353 5.69 3.55 27.02
C TRP A 353 6.89 4.07 27.82
N ASN A 354 8.02 4.20 27.16
CA ASN A 354 9.28 4.62 27.78
C ASN A 354 9.54 3.93 29.14
N ARG A 355 9.34 2.62 29.18
CA ARG A 355 9.46 1.85 30.41
C ARG A 355 10.22 0.58 30.13
N SER A 356 10.89 0.05 31.16
CA SER A 356 11.60 -1.24 31.05
C SER A 356 10.83 -2.22 31.90
N PHE A 357 11.04 -3.50 31.65
CA PHE A 357 10.26 -4.52 32.31
C PHE A 357 11.03 -5.84 32.27
N GLN A 358 10.79 -6.71 33.25
CA GLN A 358 11.41 -8.02 33.23
C GLN A 358 10.37 -9.09 32.91
N GLY A 359 10.45 -9.63 31.71
CA GLY A 359 9.56 -10.71 31.29
C GLY A 359 10.36 -11.94 30.97
N VAL A 360 9.69 -13.00 30.49
CA VAL A 360 10.40 -14.23 30.13
C VAL A 360 11.52 -13.98 29.12
N THR A 361 11.32 -13.06 28.17
CA THR A 361 12.38 -12.69 27.23
C THR A 361 13.55 -11.97 27.92
N GLY A 362 13.40 -11.68 29.19
CA GLY A 362 14.44 -10.93 29.89
C GLY A 362 14.16 -9.44 29.88
N TYR A 363 15.19 -8.66 29.55
CA TYR A 363 15.06 -7.22 29.60
C TYR A 363 14.41 -6.75 28.34
N LEU A 364 13.25 -6.14 28.51
CA LEU A 364 12.55 -5.54 27.38
C LEU A 364 12.30 -4.07 27.74
N LYS A 365 12.56 -3.20 26.78
CA LYS A 365 12.33 -1.77 26.96
C LYS A 365 11.45 -1.24 25.83
N ILE A 366 10.28 -0.74 26.20
CA ILE A 366 9.37 -0.07 25.27
C ILE A 366 9.89 1.35 25.13
N ASP A 367 10.11 1.84 23.91
CA ASP A 367 10.66 3.18 23.74
C ASP A 367 9.67 4.34 23.93
N ARG A 368 10.10 5.55 23.58
CA ARG A 368 9.23 6.72 23.76
C ARG A 368 8.08 6.67 22.78
N ASN A 369 8.33 5.94 21.70
CA ASN A 369 7.40 5.76 20.61
C ASN A 369 6.36 4.62 20.77
N GLY A 370 6.60 3.70 21.71
CA GLY A 370 5.68 2.61 21.97
C GLY A 370 6.10 1.26 21.41
N ASP A 371 7.38 1.12 21.05
CA ASP A 371 7.88 -0.10 20.43
C ASP A 371 9.05 -0.71 21.17
N ARG A 372 8.97 -2.00 21.49
CA ARG A 372 10.04 -2.72 22.17
C ARG A 372 11.34 -2.71 21.39
N ASP A 373 12.42 -2.26 22.04
CA ASP A 373 13.74 -2.25 21.43
C ASP A 373 14.10 -3.68 21.05
N THR A 374 14.74 -3.83 19.89
CA THR A 374 15.02 -5.18 19.41
C THR A 374 16.50 -5.48 19.36
N ASP A 375 16.86 -6.66 19.87
CA ASP A 375 18.24 -7.11 19.86
C ASP A 375 18.43 -8.07 18.70
N PHE A 376 19.60 -7.99 18.08
CA PHE A 376 19.95 -8.78 16.90
C PHE A 376 21.32 -9.38 17.08
N SER A 377 21.47 -10.64 16.69
CA SER A 377 22.76 -11.31 16.72
C SER A 377 23.26 -11.39 15.28
N LEU A 378 24.56 -11.21 15.09
CA LEU A 378 25.15 -11.32 13.76
C LEU A 378 25.98 -12.59 13.70
N TRP A 379 25.50 -13.58 12.95
CA TRP A 379 26.27 -14.80 12.79
C TRP A 379 27.39 -14.67 11.74
N ASP A 380 28.41 -15.52 11.88
CA ASP A 380 29.56 -15.53 10.99
C ASP A 380 30.15 -16.93 11.06
N MET A 381 30.86 -17.34 10.02
CA MET A 381 31.48 -18.67 10.01
C MET A 381 32.91 -18.67 10.56
N ASP A 382 33.28 -19.80 11.17
CA ASP A 382 34.62 -19.96 11.72
C ASP A 382 35.61 -20.13 10.57
N PRO A 383 36.54 -19.19 10.45
CA PRO A 383 37.59 -19.28 9.44
C PRO A 383 38.19 -20.70 9.35
N GLU A 384 38.19 -21.44 10.46
CA GLU A 384 38.80 -22.78 10.51
C GLU A 384 37.84 -23.97 10.36
N THR A 385 36.61 -23.84 10.84
CA THR A 385 35.62 -24.91 10.72
C THR A 385 34.50 -24.54 9.77
N GLY A 386 34.34 -23.23 9.54
CA GLY A 386 33.34 -22.72 8.61
C GLY A 386 31.88 -22.75 9.02
N ALA A 387 31.60 -23.36 10.19
CA ALA A 387 30.23 -23.41 10.69
C ALA A 387 29.88 -22.07 11.34
N PHE A 388 28.71 -21.54 10.97
CA PHE A 388 28.27 -20.23 11.46
C PHE A 388 27.93 -20.25 12.93
N ARG A 389 28.27 -19.15 13.61
CA ARG A 389 28.03 -18.98 15.02
C ARG A 389 28.00 -17.49 15.35
N VAL A 390 27.13 -17.11 16.30
CA VAL A 390 27.02 -15.71 16.73
C VAL A 390 28.37 -15.15 17.12
N VAL A 391 28.75 -14.04 16.50
CA VAL A 391 30.04 -13.41 16.77
C VAL A 391 29.86 -11.96 17.22
N LEU A 392 28.63 -11.48 17.13
CA LEU A 392 28.33 -10.10 17.50
C LEU A 392 26.93 -9.95 18.05
N ASN A 393 26.77 -9.04 19.00
CA ASN A 393 25.45 -8.74 19.55
C ASN A 393 25.20 -7.23 19.64
N TYR A 394 23.94 -6.85 19.45
CA TYR A 394 23.54 -5.45 19.45
C TYR A 394 22.44 -5.21 20.48
N ASN A 395 22.70 -4.38 21.48
CA ASN A 395 21.65 -4.03 22.45
C ASN A 395 20.67 -3.05 21.80
N GLY A 396 19.37 -3.31 21.98
CA GLY A 396 18.38 -2.44 21.38
C GLY A 396 18.30 -1.10 22.06
N THR A 397 18.38 -1.11 23.39
CA THR A 397 18.28 0.12 24.16
C THR A 397 19.59 0.86 24.19
N SER A 398 20.67 0.12 24.44
CA SER A 398 21.99 0.72 24.55
C SER A 398 22.59 1.02 23.18
N GLN A 399 22.01 0.37 22.16
CA GLN A 399 22.44 0.53 20.77
C GLN A 399 23.92 0.28 20.57
N GLU A 400 24.49 -0.62 21.36
CA GLU A 400 25.92 -0.90 21.28
C GLU A 400 26.25 -2.29 20.78
N LEU A 401 27.32 -2.39 20.01
CA LEU A 401 27.74 -3.65 19.46
C LEU A 401 28.84 -4.24 20.30
N MET A 402 28.58 -5.39 20.91
CA MET A 402 29.57 -6.03 21.74
C MET A 402 29.82 -7.48 21.32
N ALA A 403 31.11 -7.82 21.18
CA ALA A 403 31.56 -9.13 20.73
C ALA A 403 31.08 -10.27 21.64
N VAL A 404 31.14 -11.50 21.13
CA VAL A 404 30.70 -12.68 21.89
C VAL A 404 31.67 -13.85 21.83
N SER A 405 32.03 -14.36 23.01
CA SER A 405 32.96 -15.48 23.18
C SER A 405 34.30 -15.25 22.48
N GLU A 406 34.84 -14.05 22.65
CA GLU A 406 36.13 -13.63 22.09
C GLU A 406 36.30 -13.78 20.56
N HIS A 407 35.22 -13.61 19.81
CA HIS A 407 35.28 -13.71 18.34
C HIS A 407 35.41 -12.32 17.72
N LYS A 408 36.07 -12.25 16.56
CA LYS A 408 36.19 -11.00 15.81
C LYS A 408 35.67 -11.22 14.38
N LEU A 409 35.08 -10.18 13.80
CA LEU A 409 34.49 -10.34 12.47
C LEU A 409 35.52 -10.75 11.43
N TYR A 410 35.20 -11.82 10.69
CA TYR A 410 36.12 -12.28 9.66
C TYR A 410 36.29 -11.28 8.50
N TRP A 411 37.54 -11.01 8.15
CA TRP A 411 37.90 -10.16 7.02
C TRP A 411 39.11 -10.73 6.28
N PRO A 412 38.90 -11.13 5.03
CA PRO A 412 39.96 -11.71 4.20
C PRO A 412 41.21 -10.84 4.23
N LEU A 413 41.04 -9.55 4.00
CA LEU A 413 42.14 -8.58 4.03
C LEU A 413 42.50 -8.17 5.45
N GLY A 414 41.74 -8.66 6.43
CA GLY A 414 41.95 -8.30 7.81
C GLY A 414 40.99 -7.19 8.20
N TYR A 415 40.75 -6.27 7.26
CA TYR A 415 39.79 -5.18 7.46
C TYR A 415 38.59 -5.25 6.49
N PRO A 416 37.47 -4.65 6.91
CA PRO A 416 36.29 -4.59 6.05
C PRO A 416 36.58 -3.80 4.78
N PRO A 417 36.12 -4.28 3.62
CA PRO A 417 36.29 -3.54 2.36
C PRO A 417 35.34 -2.36 2.38
N PRO A 418 35.72 -1.24 1.76
CA PRO A 418 34.92 -0.02 1.85
C PRO A 418 33.65 -0.12 1.04
N ASP A 419 32.65 0.66 1.45
CA ASP A 419 31.40 0.73 0.71
C ASP A 419 31.63 1.47 -0.62
N VAL A 420 32.91 1.57 -0.99
CA VAL A 420 33.35 2.23 -2.21
C VAL A 420 34.34 1.28 -2.90
N PRO A 421 34.28 1.16 -4.22
CA PRO A 421 35.20 0.28 -4.96
C PRO A 421 36.64 0.79 -4.96
N LYS A 422 37.58 -0.10 -5.31
CA LYS A 422 39.00 0.23 -5.30
C LYS A 422 39.36 1.55 -6.02
N CYS A 423 38.75 1.78 -7.19
CA CYS A 423 39.05 2.99 -7.98
C CYS A 423 37.86 3.94 -8.17
N GLY A 424 36.85 3.47 -8.90
CA GLY A 424 35.64 4.24 -9.18
C GLY A 424 34.53 3.33 -9.66
N PHE A 425 33.32 3.86 -9.80
CA PHE A 425 32.19 3.04 -10.22
C PHE A 425 32.07 2.86 -11.75
N ASP A 426 32.83 3.64 -12.52
CA ASP A 426 32.74 3.60 -13.99
C ASP A 426 33.90 2.83 -14.65
N SER B 1 -41.01 -4.54 -2.47
CA SER B 1 -41.50 -3.70 -1.35
C SER B 1 -40.48 -2.63 -0.98
N ASP B 2 -39.33 -3.06 -0.45
CA ASP B 2 -38.28 -2.13 -0.02
C ASP B 2 -36.89 -2.57 -0.49
N LEU B 3 -36.32 -1.83 -1.43
CA LEU B 3 -34.95 -2.07 -1.89
C LEU B 3 -34.05 -1.06 -1.18
N THR B 4 -33.37 -1.49 -0.12
CA THR B 4 -32.50 -0.58 0.62
C THR B 4 -31.16 -0.38 -0.07
N VAL B 5 -30.79 0.89 -0.21
CA VAL B 5 -29.56 1.32 -0.87
C VAL B 5 -28.72 2.05 0.16
N ALA B 6 -27.59 1.45 0.52
CA ALA B 6 -26.70 2.05 1.51
C ALA B 6 -25.76 3.02 0.82
N VAL B 7 -25.59 4.21 1.40
CA VAL B 7 -24.72 5.22 0.81
C VAL B 7 -23.55 5.56 1.70
N VAL B 8 -22.33 5.40 1.18
CA VAL B 8 -21.13 5.75 1.96
C VAL B 8 -20.27 6.76 1.20
N LEU B 9 -20.52 8.02 1.46
CA LEU B 9 -19.78 9.07 0.79
C LEU B 9 -19.61 10.22 1.76
N PRO B 10 -18.91 11.25 1.32
CA PRO B 10 -18.71 12.46 2.13
C PRO B 10 -20.00 13.28 2.28
N LEU B 11 -20.62 13.19 3.45
CA LEU B 11 -21.87 13.86 3.73
C LEU B 11 -21.74 15.31 4.21
N THR B 12 -20.53 15.82 4.38
CA THR B 12 -20.42 17.17 4.91
C THR B 12 -19.39 17.96 4.13
N ASN B 13 -18.30 17.30 3.74
CA ASN B 13 -17.23 17.94 3.00
C ASN B 13 -17.69 18.02 1.55
N THR B 14 -17.60 19.19 0.91
CA THR B 14 -18.10 19.26 -0.45
C THR B 14 -17.02 19.49 -1.52
N SER B 15 -15.77 19.13 -1.22
CA SER B 15 -14.66 19.35 -2.15
C SER B 15 -14.42 18.24 -3.14
N TYR B 16 -15.06 17.09 -2.91
CA TYR B 16 -14.84 15.91 -3.73
C TYR B 16 -15.89 15.82 -4.82
N PRO B 17 -15.51 15.35 -6.02
CA PRO B 17 -16.46 15.18 -7.12
C PRO B 17 -17.51 14.18 -6.75
N TRP B 18 -17.32 13.44 -5.66
CA TRP B 18 -18.29 12.44 -5.25
C TRP B 18 -18.92 12.83 -3.90
N SER B 19 -18.80 14.09 -3.52
CA SER B 19 -19.44 14.60 -2.29
C SER B 19 -20.97 14.43 -2.33
N TRP B 20 -21.59 14.33 -1.15
CA TRP B 20 -23.04 14.15 -1.14
C TRP B 20 -23.76 15.37 -1.66
N ALA B 21 -23.11 16.53 -1.61
CA ALA B 21 -23.69 17.76 -2.13
C ALA B 21 -23.86 17.69 -3.63
N ARG B 22 -22.94 17.00 -4.29
CA ARG B 22 -22.93 16.91 -5.74
C ARG B 22 -23.64 15.64 -6.20
N VAL B 23 -23.52 14.60 -5.40
CA VAL B 23 -24.01 13.30 -5.78
C VAL B 23 -25.41 13.06 -5.28
N GLY B 24 -25.71 13.58 -4.09
CA GLY B 24 -27.03 13.42 -3.49
C GLY B 24 -28.15 13.79 -4.43
N PRO B 25 -28.14 15.04 -4.88
CA PRO B 25 -29.17 15.53 -5.80
C PRO B 25 -29.20 14.63 -7.04
N ALA B 26 -28.04 14.34 -7.60
CA ALA B 26 -28.06 13.53 -8.79
C ALA B 26 -28.74 12.17 -8.50
N VAL B 27 -28.52 11.62 -7.30
CA VAL B 27 -29.13 10.35 -6.92
C VAL B 27 -30.64 10.50 -6.74
N GLU B 28 -31.04 11.59 -6.09
CA GLU B 28 -32.44 11.96 -5.91
C GLU B 28 -33.13 12.10 -7.27
N LEU B 29 -32.43 12.66 -8.24
CA LEU B 29 -32.95 12.78 -9.59
C LEU B 29 -33.13 11.39 -10.20
N ALA B 30 -32.26 10.46 -9.81
CA ALA B 30 -32.29 9.10 -10.33
C ALA B 30 -33.44 8.30 -9.74
N LEU B 31 -33.64 8.42 -8.42
CA LEU B 31 -34.73 7.73 -7.75
C LEU B 31 -36.08 8.21 -8.29
N ALA B 32 -36.18 9.52 -8.47
CA ALA B 32 -37.39 10.13 -9.01
C ALA B 32 -37.70 9.57 -10.40
N ARG B 33 -36.71 9.59 -11.29
CA ARG B 33 -36.86 9.04 -12.65
C ARG B 33 -37.30 7.58 -12.54
N VAL B 34 -36.81 6.91 -11.50
CA VAL B 34 -37.18 5.51 -11.26
C VAL B 34 -38.68 5.47 -10.99
N LYS B 35 -39.13 6.20 -9.96
CA LYS B 35 -40.54 6.21 -9.60
C LYS B 35 -41.51 6.46 -10.78
N ALA B 36 -41.01 7.07 -11.84
CA ALA B 36 -41.84 7.45 -12.99
C ALA B 36 -41.84 6.40 -14.09
N ARG B 37 -40.95 5.42 -13.98
CA ARG B 37 -40.99 4.33 -14.95
C ARG B 37 -41.58 3.08 -14.30
N PRO B 38 -42.78 2.71 -14.73
CA PRO B 38 -43.44 1.51 -14.25
C PRO B 38 -42.73 0.23 -14.70
N ASP B 39 -41.90 0.34 -15.73
CA ASP B 39 -41.18 -0.79 -16.28
C ASP B 39 -39.92 -1.15 -15.46
N LEU B 40 -39.67 -0.38 -14.41
CA LEU B 40 -38.55 -0.64 -13.52
C LEU B 40 -39.09 -0.98 -12.14
N LEU B 41 -38.58 -2.07 -11.57
CA LEU B 41 -39.00 -2.58 -10.25
C LEU B 41 -40.51 -2.64 -10.04
N PRO B 42 -41.16 -3.61 -10.67
CA PRO B 42 -42.59 -3.84 -10.44
C PRO B 42 -42.83 -4.25 -8.98
N GLY B 43 -43.56 -3.41 -8.25
CA GLY B 43 -43.93 -3.69 -6.87
C GLY B 43 -42.84 -3.52 -5.81
N TRP B 44 -41.77 -2.80 -6.16
CA TRP B 44 -40.69 -2.56 -5.21
C TRP B 44 -40.51 -1.06 -5.04
N THR B 45 -40.07 -0.65 -3.84
CA THR B 45 -39.80 0.75 -3.55
C THR B 45 -38.39 0.94 -2.97
N VAL B 46 -37.57 1.73 -3.67
CA VAL B 46 -36.20 2.02 -3.25
C VAL B 46 -36.12 2.95 -2.04
N ARG B 47 -35.37 2.50 -1.03
CA ARG B 47 -35.15 3.28 0.17
C ARG B 47 -33.66 3.61 0.28
N MET B 48 -33.33 4.68 0.98
CA MET B 48 -31.92 5.11 1.06
C MET B 48 -31.41 5.49 2.44
N VAL B 49 -30.31 4.86 2.84
CA VAL B 49 -29.69 5.21 4.12
C VAL B 49 -28.31 5.81 3.92
N LEU B 50 -27.98 6.78 4.76
CA LEU B 50 -26.74 7.53 4.62
C LEU B 50 -25.74 7.36 5.76
N GLY B 51 -24.48 7.19 5.35
CA GLY B 51 -23.36 7.06 6.25
C GLY B 51 -22.23 7.86 5.65
N SER B 52 -21.46 8.51 6.52
CA SER B 52 -20.37 9.37 6.10
C SER B 52 -19.09 8.57 5.99
N SER B 53 -18.35 8.81 4.92
CA SER B 53 -17.05 8.15 4.74
C SER B 53 -15.92 9.00 5.29
N GLU B 54 -16.23 10.21 5.74
CA GLU B 54 -15.20 11.11 6.20
C GLU B 54 -14.97 11.00 7.70
N ASN B 55 -13.74 11.25 8.14
CA ASN B 55 -13.46 11.28 9.55
C ASN B 55 -13.70 12.66 10.15
N ALA B 56 -13.31 12.78 11.42
CA ALA B 56 -13.45 14.01 12.19
C ALA B 56 -12.80 15.20 11.50
N ALA B 57 -11.64 14.97 10.87
CA ALA B 57 -10.93 16.01 10.14
C ALA B 57 -11.68 16.50 8.91
N GLY B 58 -12.75 15.80 8.54
CA GLY B 58 -13.54 16.21 7.40
C GLY B 58 -13.10 15.62 6.09
N VAL B 59 -12.03 14.81 6.09
CA VAL B 59 -11.55 14.16 4.87
C VAL B 59 -12.02 12.72 4.81
N CYS B 60 -12.25 12.23 3.60
CA CYS B 60 -12.60 10.82 3.41
C CYS B 60 -11.47 9.91 3.94
N SER B 61 -11.81 8.93 4.78
CA SER B 61 -10.79 8.10 5.43
C SER B 61 -10.98 6.62 5.29
N ASP B 62 -9.87 5.89 5.44
CA ASP B 62 -9.83 4.42 5.39
C ASP B 62 -10.42 3.79 6.62
N THR B 63 -10.80 4.60 7.60
CA THR B 63 -11.34 4.10 8.85
C THR B 63 -12.84 4.34 8.96
N ALA B 64 -13.25 5.57 8.72
CA ALA B 64 -14.64 5.92 8.85
C ALA B 64 -15.48 5.24 7.79
N ALA B 65 -14.97 5.22 6.56
CA ALA B 65 -15.70 4.60 5.45
C ALA B 65 -16.14 3.17 5.78
N PRO B 66 -15.18 2.28 6.06
CA PRO B 66 -15.51 0.89 6.39
C PRO B 66 -16.35 0.79 7.65
N LEU B 67 -16.05 1.56 8.69
CA LEU B 67 -16.86 1.53 9.92
C LEU B 67 -18.33 1.87 9.63
N ALA B 68 -18.55 2.93 8.84
CA ALA B 68 -19.91 3.31 8.48
C ALA B 68 -20.58 2.19 7.68
N ALA B 69 -19.78 1.51 6.88
CA ALA B 69 -20.27 0.41 6.07
C ALA B 69 -20.90 -0.66 6.96
N VAL B 70 -20.18 -1.04 8.02
CA VAL B 70 -20.71 -2.01 8.95
C VAL B 70 -21.97 -1.53 9.68
N ASP B 71 -22.02 -0.26 10.09
CA ASP B 71 -23.21 0.25 10.76
C ASP B 71 -24.45 0.07 9.89
N LEU B 72 -24.34 0.43 8.62
CA LEU B 72 -25.45 0.34 7.69
C LEU B 72 -25.82 -1.10 7.41
N LYS B 73 -24.87 -2.02 7.64
CA LYS B 73 -25.12 -3.43 7.44
C LYS B 73 -26.01 -3.97 8.55
N TRP B 74 -25.70 -3.60 9.79
CA TRP B 74 -26.44 -4.10 10.94
C TRP B 74 -27.78 -3.41 11.12
N GLU B 75 -27.78 -2.10 10.88
CA GLU B 75 -28.99 -1.30 11.09
C GLU B 75 -29.98 -1.42 9.95
N HIS B 76 -29.50 -1.64 8.71
CA HIS B 76 -30.44 -1.62 7.60
C HIS B 76 -30.51 -2.83 6.67
N SER B 77 -29.51 -3.72 6.72
CA SER B 77 -29.49 -4.91 5.86
C SER B 77 -29.70 -4.56 4.38
N PRO B 78 -28.88 -3.67 3.83
CA PRO B 78 -29.07 -3.16 2.45
C PRO B 78 -28.83 -4.19 1.35
N ALA B 79 -29.35 -3.89 0.17
CA ALA B 79 -29.26 -4.78 -0.98
C ALA B 79 -28.11 -4.33 -1.83
N VAL B 80 -27.76 -3.07 -1.68
CA VAL B 80 -26.71 -2.50 -2.49
C VAL B 80 -26.01 -1.35 -1.78
N PHE B 81 -24.72 -1.18 -2.08
CA PHE B 81 -23.98 -0.06 -1.53
C PHE B 81 -23.59 0.90 -2.63
N LEU B 82 -23.72 2.19 -2.30
CA LEU B 82 -23.34 3.26 -3.20
C LEU B 82 -22.13 4.03 -2.66
N GLY B 83 -21.02 3.96 -3.38
CA GLY B 83 -19.80 4.63 -2.93
C GLY B 83 -18.97 3.66 -2.12
N PRO B 84 -17.85 4.10 -1.57
CA PRO B 84 -17.33 5.46 -1.72
C PRO B 84 -16.60 5.73 -3.03
N GLY B 85 -16.09 6.95 -3.14
CA GLY B 85 -15.37 7.34 -4.33
C GLY B 85 -13.88 7.48 -4.11
N CYS B 86 -13.45 7.73 -2.89
CA CYS B 86 -12.02 7.82 -2.60
C CYS B 86 -11.42 6.43 -2.70
N VAL B 87 -10.21 6.29 -3.26
CA VAL B 87 -9.62 4.97 -3.39
C VAL B 87 -9.40 4.24 -2.05
N TYR B 88 -8.78 4.92 -1.08
CA TYR B 88 -8.44 4.27 0.19
C TYR B 88 -9.69 4.08 1.05
N SER B 89 -10.78 4.69 0.61
CA SER B 89 -12.03 4.57 1.35
C SER B 89 -12.79 3.41 0.78
N ALA B 90 -12.74 3.29 -0.54
CA ALA B 90 -13.52 2.30 -1.23
C ALA B 90 -12.91 0.91 -1.10
N ALA B 91 -11.58 0.86 -1.08
CA ALA B 91 -10.89 -0.41 -1.00
C ALA B 91 -11.42 -1.29 0.12
N PRO B 92 -11.35 -0.88 1.37
CA PRO B 92 -11.88 -1.73 2.44
C PRO B 92 -13.40 -1.97 2.33
N VAL B 93 -14.15 -0.98 1.89
CA VAL B 93 -15.60 -1.15 1.83
C VAL B 93 -15.96 -2.19 0.77
N GLY B 94 -15.30 -2.08 -0.37
CA GLY B 94 -15.57 -2.96 -1.47
C GLY B 94 -15.18 -4.34 -1.06
N ARG B 95 -14.28 -4.40 -0.10
CA ARG B 95 -13.82 -5.68 0.34
C ARG B 95 -14.80 -6.29 1.31
N PHE B 96 -15.32 -5.46 2.20
CA PHE B 96 -16.33 -5.94 3.13
C PHE B 96 -17.54 -6.46 2.34
N THR B 97 -18.06 -5.62 1.44
CA THR B 97 -19.25 -5.95 0.69
C THR B 97 -19.07 -7.21 -0.14
N ALA B 98 -17.86 -7.45 -0.63
CA ALA B 98 -17.58 -8.66 -1.41
C ALA B 98 -17.72 -9.87 -0.49
N HIS B 99 -17.26 -9.71 0.75
CA HIS B 99 -17.41 -10.75 1.74
C HIS B 99 -18.88 -10.95 2.08
N TRP B 100 -19.59 -9.84 2.25
CA TRP B 100 -20.99 -9.89 2.61
C TRP B 100 -21.80 -10.45 1.47
N ARG B 101 -21.20 -10.50 0.28
CA ARG B 101 -21.91 -10.94 -0.90
C ARG B 101 -22.97 -9.89 -1.34
N VAL B 102 -22.65 -8.61 -1.18
CA VAL B 102 -23.55 -7.53 -1.57
C VAL B 102 -22.90 -6.69 -2.67
N PRO B 103 -23.65 -6.33 -3.72
CA PRO B 103 -23.07 -5.53 -4.79
C PRO B 103 -22.76 -4.12 -4.33
N LEU B 104 -21.73 -3.53 -4.92
CA LEU B 104 -21.35 -2.15 -4.60
C LEU B 104 -21.24 -1.38 -5.89
N LEU B 105 -21.81 -0.17 -5.91
CA LEU B 105 -21.71 0.65 -7.11
C LEU B 105 -21.02 1.96 -6.80
N THR B 106 -20.06 2.34 -7.63
CA THR B 106 -19.38 3.61 -7.44
C THR B 106 -18.86 4.18 -8.75
N ALA B 107 -18.77 5.51 -8.79
CA ALA B 107 -18.24 6.22 -9.95
C ALA B 107 -16.84 6.74 -9.64
N GLY B 108 -16.38 6.48 -8.42
CA GLY B 108 -15.02 6.82 -8.01
C GLY B 108 -14.21 5.54 -7.94
N ALA B 109 -13.28 5.44 -7.01
CA ALA B 109 -12.44 4.25 -6.90
C ALA B 109 -11.82 3.84 -8.25
N PRO B 110 -11.16 4.75 -8.96
CA PRO B 110 -10.55 4.44 -10.26
C PRO B 110 -9.25 3.61 -10.22
N ALA B 111 -8.74 3.32 -9.03
CA ALA B 111 -7.47 2.59 -8.89
C ALA B 111 -7.45 1.20 -9.53
N LEU B 112 -6.27 0.83 -10.01
CA LEU B 112 -6.08 -0.44 -10.66
C LEU B 112 -6.49 -1.57 -9.74
N GLY B 113 -6.19 -1.40 -8.47
CA GLY B 113 -6.48 -2.44 -7.51
C GLY B 113 -7.93 -2.88 -7.48
N ILE B 114 -8.84 -1.92 -7.51
CA ILE B 114 -10.26 -2.20 -7.45
C ILE B 114 -10.73 -3.07 -8.63
N GLY B 115 -9.96 -3.10 -9.71
CA GLY B 115 -10.32 -3.88 -10.88
C GLY B 115 -10.09 -5.38 -10.76
N VAL B 116 -9.43 -5.80 -9.69
CA VAL B 116 -9.16 -7.21 -9.48
C VAL B 116 -10.39 -8.01 -9.15
N LYS B 117 -10.71 -8.91 -10.09
CA LYS B 117 -11.87 -9.79 -10.08
C LYS B 117 -12.14 -10.43 -8.71
N ASP B 118 -11.29 -11.37 -8.32
CA ASP B 118 -11.52 -12.12 -7.09
C ASP B 118 -11.56 -11.29 -5.80
N GLU B 119 -10.73 -10.26 -5.71
CA GLU B 119 -10.73 -9.38 -4.54
C GLU B 119 -11.99 -8.49 -4.46
N TYR B 120 -12.34 -7.81 -5.55
CA TYR B 120 -13.51 -6.92 -5.55
C TYR B 120 -14.67 -7.45 -6.40
N ALA B 121 -15.05 -8.71 -6.15
CA ALA B 121 -16.21 -9.32 -6.79
C ALA B 121 -17.41 -8.43 -6.49
N LEU B 122 -18.41 -8.47 -7.36
CA LEU B 122 -19.61 -7.67 -7.12
C LEU B 122 -19.42 -6.15 -7.05
N THR B 123 -18.30 -5.64 -7.54
CA THR B 123 -18.07 -4.20 -7.56
C THR B 123 -18.13 -3.70 -8.98
N THR B 124 -19.17 -2.94 -9.29
CA THR B 124 -19.36 -2.41 -10.62
C THR B 124 -18.95 -0.95 -10.67
N ARG B 125 -17.98 -0.64 -11.54
CA ARG B 125 -17.51 0.74 -11.70
C ARG B 125 -18.17 1.47 -12.90
N THR B 126 -19.05 2.41 -12.59
CA THR B 126 -19.80 3.12 -13.64
C THR B 126 -19.17 4.45 -14.05
N GLY B 127 -18.15 4.87 -13.31
CA GLY B 127 -17.38 6.06 -13.62
C GLY B 127 -16.03 5.72 -14.25
N PRO B 128 -15.18 6.73 -14.38
CA PRO B 128 -13.87 6.57 -15.01
C PRO B 128 -12.96 5.63 -14.25
N SER B 129 -11.95 5.13 -14.95
CA SER B 129 -11.07 4.09 -14.44
C SER B 129 -9.66 4.32 -14.98
N HIS B 130 -8.64 4.10 -14.15
CA HIS B 130 -7.29 4.48 -14.54
C HIS B 130 -6.63 3.56 -15.53
N VAL B 131 -6.99 2.28 -15.51
CA VAL B 131 -6.43 1.37 -16.50
C VAL B 131 -6.87 1.84 -17.89
N LYS B 132 -8.12 2.30 -17.99
CA LYS B 132 -8.70 2.77 -19.24
C LYS B 132 -7.88 3.91 -19.83
N LEU B 133 -7.20 4.67 -18.98
CA LEU B 133 -6.33 5.72 -19.48
C LEU B 133 -5.16 5.06 -20.19
N GLY B 134 -4.83 3.84 -19.80
CA GLY B 134 -3.74 3.13 -20.45
C GLY B 134 -4.14 2.73 -21.86
N ASP B 135 -5.40 2.32 -22.02
CA ASP B 135 -5.93 1.96 -23.31
C ASP B 135 -5.69 3.11 -24.27
N PHE B 136 -6.25 4.27 -23.92
CA PHE B 136 -6.10 5.48 -24.70
C PHE B 136 -4.64 5.76 -25.01
N VAL B 137 -3.78 5.64 -24.02
CA VAL B 137 -2.37 5.92 -24.24
C VAL B 137 -1.83 4.93 -25.26
N THR B 138 -2.21 3.65 -25.10
CA THR B 138 -1.79 2.60 -26.03
C THR B 138 -2.24 2.96 -27.42
N ALA B 139 -3.50 3.36 -27.53
CA ALA B 139 -4.11 3.74 -28.80
C ALA B 139 -3.43 4.96 -29.40
N LEU B 140 -3.09 5.90 -28.54
CA LEU B 140 -2.45 7.13 -28.97
C LEU B 140 -1.02 6.86 -29.39
N HIS B 141 -0.38 5.93 -28.70
CA HIS B 141 1.01 5.59 -28.96
C HIS B 141 1.18 4.83 -30.25
N ARG B 142 0.25 3.91 -30.49
CA ARG B 142 0.21 3.15 -31.73
C ARG B 142 -0.01 4.16 -32.87
N ARG B 143 -1.08 4.94 -32.79
CA ARG B 143 -1.43 5.89 -33.84
C ARG B 143 -0.25 6.70 -34.37
N LEU B 144 0.55 7.25 -33.48
CA LEU B 144 1.67 8.09 -33.90
C LEU B 144 3.01 7.34 -33.91
N GLY B 145 2.93 6.02 -33.87
CA GLY B 145 4.09 5.16 -34.00
C GLY B 145 5.17 5.17 -32.92
N TRP B 146 4.83 5.61 -31.71
CA TRP B 146 5.81 5.59 -30.63
C TRP B 146 5.99 4.16 -30.15
N GLU B 147 6.98 3.49 -30.73
CA GLU B 147 7.19 2.06 -30.53
C GLU B 147 8.21 1.66 -29.47
N HIS B 148 8.73 2.63 -28.71
CA HIS B 148 9.80 2.30 -27.76
C HIS B 148 9.65 2.75 -26.30
N GLN B 149 9.94 4.01 -26.05
CA GLN B 149 10.00 4.52 -24.68
C GLN B 149 9.06 5.67 -24.38
N ALA B 150 8.73 5.81 -23.10
CA ALA B 150 7.90 6.90 -22.62
C ALA B 150 8.28 7.22 -21.19
N LEU B 151 8.30 8.51 -20.87
CA LEU B 151 8.60 8.94 -19.52
C LEU B 151 7.37 9.51 -18.79
N VAL B 152 7.13 9.00 -17.59
CA VAL B 152 6.01 9.48 -16.77
C VAL B 152 6.51 10.22 -15.51
N LEU B 153 6.03 11.44 -15.32
CA LEU B 153 6.35 12.21 -14.12
C LEU B 153 5.04 12.39 -13.37
N TYR B 154 5.11 12.34 -12.05
CA TYR B 154 3.92 12.47 -11.24
C TYR B 154 4.25 13.01 -9.86
N ALA B 155 3.31 13.74 -9.30
CA ALA B 155 3.51 14.34 -8.00
C ALA B 155 2.21 14.21 -7.28
N ASP B 156 2.29 13.90 -6.01
CA ASP B 156 1.10 13.70 -5.21
C ASP B 156 1.36 14.34 -3.81
N ARG B 157 0.52 15.30 -3.40
CA ARG B 157 0.63 15.94 -2.05
C ARG B 157 0.46 14.95 -0.88
N LEU B 158 1.47 14.78 -0.02
CA LEU B 158 1.45 13.67 0.96
C LEU B 158 0.23 13.39 1.87
N GLY B 159 -0.52 14.43 2.24
CA GLY B 159 -1.66 14.22 3.13
C GLY B 159 -2.97 13.74 2.50
N ASP B 160 -2.97 13.42 1.21
CA ASP B 160 -4.21 13.12 0.50
C ASP B 160 -4.37 11.68 0.04
N ASP B 161 -5.27 11.47 -0.92
CA ASP B 161 -5.57 10.16 -1.48
C ASP B 161 -4.68 9.78 -2.69
N ARG B 162 -3.50 10.37 -2.82
CA ARG B 162 -2.56 10.09 -3.92
C ARG B 162 -3.23 9.99 -5.28
N PRO B 163 -3.88 11.06 -5.73
CA PRO B 163 -4.68 11.00 -6.95
C PRO B 163 -3.82 10.68 -8.15
N CYS B 164 -2.68 11.35 -8.23
CA CYS B 164 -1.80 11.24 -9.38
C CYS B 164 -0.97 9.97 -9.39
N PHE B 165 -0.92 9.27 -8.28
CA PHE B 165 -0.14 8.05 -8.26
C PHE B 165 -0.99 6.98 -8.86
N PHE B 166 -2.25 6.94 -8.47
CA PHE B 166 -3.14 5.95 -9.02
C PHE B 166 -3.30 6.15 -10.53
N ILE B 167 -3.32 7.40 -10.97
CA ILE B 167 -3.48 7.69 -12.38
C ILE B 167 -2.31 7.10 -13.14
N VAL B 168 -1.11 7.39 -12.68
CA VAL B 168 0.06 6.92 -13.37
C VAL B 168 0.17 5.39 -13.29
N GLU B 169 -0.21 4.81 -12.15
CA GLU B 169 -0.22 3.36 -12.00
C GLU B 169 -1.05 2.66 -13.07
N GLY B 170 -2.23 3.21 -13.33
CA GLY B 170 -3.13 2.61 -14.29
C GLY B 170 -2.53 2.68 -15.67
N LEU B 171 -1.99 3.83 -16.02
CA LEU B 171 -1.37 4.01 -17.32
C LEU B 171 -0.19 3.05 -17.48
N TYR B 172 0.63 2.99 -16.44
CA TYR B 172 1.89 2.25 -16.45
C TYR B 172 1.68 0.78 -16.70
N MET B 173 0.76 0.19 -15.95
CA MET B 173 0.51 -1.24 -15.98
C MET B 173 -0.23 -1.70 -17.22
N ARG B 174 -1.18 -0.89 -17.67
CA ARG B 174 -1.92 -1.19 -18.90
C ARG B 174 -1.03 -1.04 -20.13
N VAL B 175 -0.28 0.05 -20.22
CA VAL B 175 0.57 0.25 -21.38
C VAL B 175 1.57 -0.88 -21.49
N ARG B 176 2.09 -1.32 -20.36
CA ARG B 176 3.11 -2.35 -20.34
C ARG B 176 2.49 -3.70 -20.69
N GLU B 177 1.20 -3.82 -20.39
CA GLU B 177 0.44 -5.04 -20.66
C GLU B 177 0.21 -5.21 -22.13
N ARG B 178 -0.08 -4.10 -22.80
CA ARG B 178 -0.45 -4.11 -24.21
C ARG B 178 0.68 -3.87 -25.20
N LEU B 179 1.48 -2.83 -24.99
CA LEU B 179 2.60 -2.53 -25.89
C LEU B 179 3.94 -3.12 -25.47
N ASN B 180 4.06 -3.56 -24.22
CA ASN B 180 5.33 -4.07 -23.71
C ASN B 180 6.51 -3.20 -24.18
N ILE B 181 6.41 -1.89 -23.98
CA ILE B 181 7.50 -0.97 -24.29
C ILE B 181 8.10 -0.48 -22.99
N THR B 182 9.17 0.32 -23.09
CA THR B 182 9.82 0.82 -21.88
C THR B 182 9.21 2.16 -21.40
N VAL B 183 8.57 2.10 -20.23
CA VAL B 183 7.94 3.26 -19.60
C VAL B 183 8.71 3.66 -18.37
N ASN B 184 9.53 4.69 -18.48
CA ASN B 184 10.24 5.15 -17.31
C ASN B 184 9.33 6.05 -16.48
N HIS B 185 9.52 6.02 -15.16
CA HIS B 185 8.67 6.77 -14.24
C HIS B 185 9.48 7.51 -13.17
N GLN B 186 9.00 8.67 -12.76
CA GLN B 186 9.68 9.46 -11.76
C GLN B 186 8.68 10.23 -10.92
N GLU B 187 8.79 10.12 -9.60
CA GLU B 187 7.88 10.83 -8.73
C GLU B 187 8.64 12.02 -8.18
N PHE B 188 7.93 13.11 -7.95
CA PHE B 188 8.55 14.24 -7.33
C PHE B 188 7.58 14.93 -6.39
N VAL B 189 8.08 15.82 -5.55
CA VAL B 189 7.19 16.63 -4.70
C VAL B 189 7.06 18.04 -5.25
N GLU B 190 5.82 18.48 -5.51
CA GLU B 190 5.59 19.81 -6.12
C GLU B 190 6.29 20.97 -5.39
N GLY B 191 5.91 21.17 -4.12
CA GLY B 191 6.47 22.24 -3.30
C GLY B 191 7.98 22.21 -3.14
N ASP B 192 8.60 21.08 -3.46
CA ASP B 192 10.03 20.91 -3.23
C ASP B 192 10.83 21.35 -4.44
N PRO B 193 11.53 22.48 -4.34
CA PRO B 193 12.27 23.02 -5.47
C PRO B 193 13.53 22.19 -5.82
N ASP B 194 14.06 21.39 -4.87
CA ASP B 194 15.22 20.52 -5.15
C ASP B 194 14.96 19.54 -6.32
N HIS B 195 13.70 19.18 -6.53
CA HIS B 195 13.33 18.23 -7.56
C HIS B 195 13.34 18.73 -9.00
N TYR B 196 13.30 20.03 -9.19
CA TYR B 196 13.21 20.55 -10.56
C TYR B 196 14.43 20.32 -11.43
N PRO B 197 15.63 20.47 -10.88
CA PRO B 197 16.84 20.27 -11.68
C PRO B 197 16.96 18.79 -11.97
N LYS B 198 16.33 18.00 -11.12
CA LYS B 198 16.33 16.55 -11.23
C LYS B 198 15.29 16.09 -12.23
N LEU B 199 14.13 16.73 -12.23
CA LEU B 199 13.11 16.37 -13.20
C LEU B 199 13.63 16.67 -14.60
N LEU B 200 14.08 17.91 -14.84
CA LEU B 200 14.60 18.32 -16.15
C LEU B 200 15.69 17.36 -16.63
N ARG B 201 16.69 17.13 -15.79
CA ARG B 201 17.76 16.19 -16.12
C ARG B 201 17.12 14.85 -16.49
N ALA B 202 16.10 14.46 -15.74
CA ALA B 202 15.41 13.19 -15.96
C ALA B 202 14.75 13.14 -17.32
N VAL B 203 14.14 14.25 -17.73
CA VAL B 203 13.52 14.35 -19.03
C VAL B 203 14.57 14.15 -20.11
N ARG B 204 15.62 14.97 -20.05
CA ARG B 204 16.69 14.92 -21.04
C ARG B 204 17.30 13.53 -21.15
N ARG B 205 17.56 12.89 -20.00
CA ARG B 205 18.21 11.57 -19.96
C ARG B 205 17.33 10.40 -20.39
N LYS B 206 16.11 10.33 -19.91
CA LYS B 206 15.31 9.13 -20.11
C LYS B 206 13.96 9.30 -20.83
N GLY B 207 13.63 10.51 -21.30
CA GLY B 207 12.36 10.69 -21.95
C GLY B 207 12.25 11.63 -23.14
N ARG B 208 11.41 11.26 -24.11
CA ARG B 208 11.10 12.09 -25.28
C ARG B 208 9.60 12.35 -25.33
N VAL B 209 8.81 11.27 -25.23
CA VAL B 209 7.37 11.41 -25.12
C VAL B 209 7.06 11.39 -23.63
N ILE B 210 6.70 12.55 -23.09
CA ILE B 210 6.55 12.71 -21.66
C ILE B 210 5.13 13.00 -21.18
N TYR B 211 4.71 12.29 -20.14
CA TYR B 211 3.40 12.52 -19.54
C TYR B 211 3.61 13.04 -18.13
N ILE B 212 3.09 14.22 -17.83
CA ILE B 212 3.16 14.78 -16.50
C ILE B 212 1.81 14.79 -15.77
N CYS B 213 1.81 14.28 -14.55
CA CYS B 213 0.59 14.27 -13.74
C CYS B 213 0.84 15.08 -12.50
N SER B 214 0.34 16.31 -12.51
CA SER B 214 0.56 17.26 -11.42
C SER B 214 -0.54 18.28 -11.40
N SER B 215 -0.36 19.34 -10.62
CA SER B 215 -1.32 20.44 -10.57
C SER B 215 -1.11 21.28 -11.80
N PRO B 216 -2.09 22.11 -12.14
CA PRO B 216 -1.96 22.94 -13.34
C PRO B 216 -0.76 23.87 -13.17
N ASP B 217 -0.57 24.46 -11.99
CA ASP B 217 0.58 25.35 -11.80
C ASP B 217 1.93 24.67 -11.97
N ALA B 218 2.03 23.42 -11.52
CA ALA B 218 3.26 22.66 -11.61
C ALA B 218 3.55 22.35 -13.06
N PHE B 219 2.53 22.02 -13.82
CA PHE B 219 2.72 21.70 -15.21
C PHE B 219 3.15 22.96 -15.96
N ARG B 220 2.62 24.09 -15.53
CA ARG B 220 3.01 25.37 -16.10
C ARG B 220 4.52 25.60 -15.94
N ASN B 221 4.98 25.55 -14.70
CA ASN B 221 6.38 25.78 -14.37
C ASN B 221 7.34 24.86 -15.09
N LEU B 222 6.96 23.61 -15.23
CA LEU B 222 7.84 22.70 -15.91
C LEU B 222 7.96 23.04 -17.40
N MET B 223 6.88 23.50 -18.00
CA MET B 223 6.92 23.83 -19.40
C MET B 223 7.80 25.07 -19.61
N LEU B 224 7.76 25.97 -18.63
CA LEU B 224 8.58 27.16 -18.70
C LEU B 224 10.04 26.77 -18.70
N LEU B 225 10.42 26.00 -17.67
CA LEU B 225 11.80 25.54 -17.52
C LEU B 225 12.24 24.62 -18.65
N ALA B 226 11.28 23.95 -19.30
CA ALA B 226 11.61 23.07 -20.42
C ALA B 226 12.12 23.84 -21.64
N LEU B 227 11.42 24.89 -22.02
CA LEU B 227 11.79 25.70 -23.18
C LEU B 227 13.06 26.46 -22.86
N ASN B 228 13.05 27.11 -21.69
CA ASN B 228 14.20 27.80 -21.13
C ASN B 228 15.48 26.97 -21.28
N ALA B 229 15.32 25.66 -21.40
CA ALA B 229 16.45 24.75 -21.52
C ALA B 229 16.69 24.30 -22.96
N GLY B 230 15.92 24.84 -23.89
CA GLY B 230 16.06 24.48 -25.29
C GLY B 230 15.41 23.16 -25.65
N LEU B 231 14.23 22.90 -25.08
CA LEU B 231 13.47 21.70 -25.36
C LEU B 231 12.09 22.06 -25.91
N THR B 232 11.83 21.64 -27.15
CA THR B 232 10.58 21.97 -27.81
C THR B 232 10.05 20.81 -28.65
N GLY B 233 8.93 21.06 -29.33
CA GLY B 233 8.27 20.07 -30.16
C GLY B 233 9.18 19.40 -31.17
N GLU B 234 10.41 19.90 -31.26
CA GLU B 234 11.41 19.38 -32.19
C GLU B 234 11.77 17.91 -31.93
N ASP B 235 12.11 17.58 -30.69
CA ASP B 235 12.40 16.18 -30.32
C ASP B 235 11.60 15.71 -29.10
N TYR B 236 10.97 16.64 -28.38
CA TYR B 236 10.20 16.30 -27.18
C TYR B 236 8.73 16.66 -27.32
N VAL B 237 7.89 15.98 -26.56
CA VAL B 237 6.45 16.26 -26.49
C VAL B 237 5.96 16.05 -25.06
N PHE B 238 5.18 17.01 -24.54
CA PHE B 238 4.73 17.00 -23.14
C PHE B 238 3.23 16.87 -22.95
N PHE B 239 2.77 15.75 -22.38
CA PHE B 239 1.34 15.55 -22.15
C PHE B 239 1.01 15.79 -20.68
N HIS B 240 0.00 16.60 -20.43
CA HIS B 240 -0.46 16.86 -19.06
C HIS B 240 -1.63 15.96 -18.72
N LEU B 241 -1.45 15.08 -17.74
CA LEU B 241 -2.51 14.17 -17.34
C LEU B 241 -3.53 14.90 -16.45
N ASP B 242 -4.31 15.77 -17.06
CA ASP B 242 -5.30 16.52 -16.30
C ASP B 242 -6.70 15.95 -16.50
N VAL B 243 -7.02 14.84 -15.85
CA VAL B 243 -8.28 14.15 -16.16
C VAL B 243 -9.57 14.95 -15.97
N PHE B 244 -9.67 15.69 -14.86
CA PHE B 244 -10.87 16.50 -14.64
C PHE B 244 -10.72 17.91 -15.18
N GLY B 245 -9.73 18.11 -16.05
CA GLY B 245 -9.48 19.40 -16.66
C GLY B 245 -9.35 20.56 -15.70
N GLN B 246 -8.64 20.39 -14.59
CA GLN B 246 -8.46 21.51 -13.67
C GLN B 246 -7.77 22.73 -14.30
N SER B 247 -6.91 22.53 -15.28
CA SER B 247 -6.18 23.64 -15.88
C SER B 247 -7.09 24.43 -16.81
N LEU B 248 -8.24 23.85 -17.16
CA LEU B 248 -9.17 24.53 -18.04
C LEU B 248 -10.41 24.98 -17.26
N LYS B 249 -11.42 25.43 -18.01
CA LYS B 249 -12.70 25.82 -17.42
C LYS B 249 -13.82 25.60 -18.45
N SER B 250 -14.79 24.76 -18.10
CA SER B 250 -15.84 24.37 -19.05
C SER B 250 -16.96 25.37 -19.25
N ALA B 251 -17.92 24.95 -20.08
CA ALA B 251 -19.18 25.66 -20.39
C ALA B 251 -19.14 27.11 -20.91
N GLN B 252 -18.01 27.80 -20.76
CA GLN B 252 -17.85 29.21 -21.18
C GLN B 252 -18.84 30.19 -20.53
N GLN B 257 -10.01 29.21 -23.64
CA GLN B 257 -9.11 28.27 -22.92
C GLN B 257 -7.70 28.81 -22.80
N LYS B 258 -7.37 29.35 -21.63
CA LYS B 258 -6.03 29.90 -21.41
C LYS B 258 -5.23 29.18 -20.30
N PRO B 259 -4.93 27.90 -20.52
CA PRO B 259 -4.20 27.12 -19.53
C PRO B 259 -2.81 27.67 -19.29
N TRP B 260 -2.25 28.37 -20.27
CA TRP B 260 -0.90 28.93 -20.17
C TRP B 260 -0.93 30.37 -19.64
N GLU B 261 -2.10 30.98 -19.62
CA GLU B 261 -2.25 32.36 -19.15
C GLU B 261 -2.32 32.46 -17.64
N ARG B 262 -1.50 33.32 -17.05
CA ARG B 262 -1.61 33.57 -15.63
C ARG B 262 -1.52 35.08 -15.35
N GLY B 263 -1.00 35.82 -16.33
CA GLY B 263 -0.88 37.26 -16.25
C GLY B 263 0.29 37.68 -15.40
N ASP B 264 1.48 37.16 -15.74
CA ASP B 264 2.72 37.45 -15.04
C ASP B 264 3.86 37.80 -16.00
N GLY B 265 3.51 38.14 -17.24
CA GLY B 265 4.49 38.42 -18.27
C GLY B 265 5.33 37.19 -18.59
N GLN B 266 4.74 36.00 -18.35
CA GLN B 266 5.42 34.75 -18.62
C GLN B 266 4.65 33.95 -19.68
N ASP B 267 3.64 34.61 -20.23
CA ASP B 267 2.75 34.02 -21.22
C ASP B 267 3.35 33.95 -22.62
N ARG B 268 4.35 34.79 -22.88
CA ARG B 268 5.05 34.78 -24.16
C ARG B 268 5.84 33.47 -24.25
N SER B 269 6.70 33.26 -23.27
CA SER B 269 7.47 32.03 -23.20
C SER B 269 6.50 30.85 -23.00
N ALA B 270 5.51 31.03 -22.14
CA ALA B 270 4.50 29.99 -21.88
C ALA B 270 3.97 29.39 -23.19
N ARG B 271 3.44 30.25 -24.05
CA ARG B 271 2.87 29.83 -25.33
C ARG B 271 3.88 29.04 -26.15
N GLN B 272 5.10 29.56 -26.24
CA GLN B 272 6.16 28.89 -27.00
C GLN B 272 6.35 27.47 -26.46
N ALA B 273 6.33 27.36 -25.13
CA ALA B 273 6.47 26.09 -24.45
C ALA B 273 5.22 25.26 -24.71
N PHE B 274 4.07 25.82 -24.36
CA PHE B 274 2.79 25.15 -24.55
C PHE B 274 2.55 24.77 -26.01
N GLN B 275 3.59 24.96 -26.82
CA GLN B 275 3.60 24.50 -28.20
C GLN B 275 3.89 22.99 -28.18
N ALA B 276 4.73 22.56 -27.25
CA ALA B 276 5.01 21.13 -27.12
C ALA B 276 4.03 20.44 -26.16
N ALA B 277 3.19 21.24 -25.52
CA ALA B 277 2.20 20.73 -24.59
C ALA B 277 0.91 20.28 -25.29
N LYS B 278 0.28 19.26 -24.73
CA LYS B 278 -1.01 18.76 -25.17
C LYS B 278 -1.67 18.35 -23.86
N ILE B 279 -2.98 18.53 -23.73
CA ILE B 279 -3.63 18.21 -22.45
C ILE B 279 -4.62 17.05 -22.50
N ILE B 280 -4.47 16.05 -21.63
CA ILE B 280 -5.40 14.92 -21.66
C ILE B 280 -6.44 15.02 -20.56
N THR B 281 -7.71 15.01 -20.94
CA THR B 281 -8.75 15.07 -19.92
C THR B 281 -9.81 14.03 -20.21
N TYR B 282 -10.80 13.95 -19.35
CA TYR B 282 -11.96 13.14 -19.61
C TYR B 282 -12.73 13.86 -20.71
N LYS B 283 -13.39 13.08 -21.56
CA LYS B 283 -14.25 13.57 -22.63
C LYS B 283 -15.55 14.12 -22.04
N GLU B 284 -15.89 15.34 -22.39
CA GLU B 284 -17.14 15.94 -21.91
C GLU B 284 -18.33 15.41 -22.74
N PRO B 285 -19.35 14.86 -22.08
CA PRO B 285 -20.51 14.35 -22.81
C PRO B 285 -21.20 15.53 -23.50
N ASP B 286 -21.50 15.38 -24.79
CA ASP B 286 -22.08 16.48 -25.55
C ASP B 286 -23.53 16.21 -25.95
N ASN B 287 -24.02 15.02 -25.64
CA ASN B 287 -25.42 14.67 -25.88
C ASN B 287 -26.36 15.61 -25.11
N PRO B 288 -27.57 15.83 -25.62
CA PRO B 288 -28.53 16.76 -25.01
C PRO B 288 -28.95 16.41 -23.59
N GLU B 289 -29.14 15.12 -23.30
CA GLU B 289 -29.65 14.69 -22.00
C GLU B 289 -28.71 15.12 -20.89
N TYR B 290 -27.42 15.13 -21.21
CA TYR B 290 -26.41 15.54 -20.26
C TYR B 290 -26.66 17.00 -19.85
N LEU B 291 -26.68 17.89 -20.84
CA LEU B 291 -26.92 19.31 -20.60
C LEU B 291 -28.15 19.57 -19.72
N GLU B 292 -29.26 18.91 -20.04
CA GLU B 292 -30.50 19.02 -19.28
C GLU B 292 -30.37 18.44 -17.87
N PHE B 293 -29.45 17.50 -17.69
CA PHE B 293 -29.22 16.87 -16.39
C PHE B 293 -28.48 17.86 -15.48
N LEU B 294 -27.49 18.54 -16.04
CA LEU B 294 -26.72 19.50 -15.26
C LEU B 294 -27.58 20.58 -14.66
N LYS B 295 -28.45 21.16 -15.49
CA LYS B 295 -29.32 22.23 -15.03
C LYS B 295 -30.22 21.76 -13.90
N GLN B 296 -30.79 20.56 -14.06
CA GLN B 296 -31.62 20.00 -13.03
C GLN B 296 -30.78 19.73 -11.79
N LEU B 297 -29.53 19.35 -12.00
CA LEU B 297 -28.62 19.04 -10.89
C LEU B 297 -28.31 20.30 -10.10
N LYS B 298 -27.99 21.37 -10.83
CA LYS B 298 -27.67 22.66 -10.26
C LYS B 298 -28.80 23.10 -9.34
N LEU B 299 -30.01 23.10 -9.88
CA LEU B 299 -31.18 23.57 -9.16
C LEU B 299 -31.46 22.75 -7.92
N LEU B 300 -31.43 21.43 -8.07
CA LEU B 300 -31.79 20.55 -6.97
C LEU B 300 -30.81 20.65 -5.81
N ALA B 301 -29.53 20.81 -6.14
CA ALA B 301 -28.46 20.90 -5.12
C ALA B 301 -28.54 22.21 -4.36
N ASP B 302 -28.82 23.27 -5.11
CA ASP B 302 -28.90 24.60 -4.55
C ASP B 302 -30.11 24.68 -3.66
N LYS B 303 -31.22 24.10 -4.10
CA LYS B 303 -32.49 24.24 -3.40
C LYS B 303 -32.69 23.32 -2.19
N LYS B 304 -32.16 22.10 -2.26
CA LYS B 304 -32.41 21.12 -1.20
C LYS B 304 -31.14 20.63 -0.52
N PHE B 305 -30.01 20.76 -1.22
CA PHE B 305 -28.72 20.31 -0.66
C PHE B 305 -27.83 21.47 -0.24
N ASN B 306 -28.31 22.70 -0.38
CA ASN B 306 -27.57 23.90 -0.01
C ASN B 306 -26.14 23.93 -0.53
N PHE B 307 -25.98 24.05 -1.85
CA PHE B 307 -24.66 24.06 -2.47
C PHE B 307 -24.83 24.54 -3.89
N THR B 308 -23.76 25.08 -4.45
CA THR B 308 -23.80 25.61 -5.79
C THR B 308 -22.92 24.76 -6.65
N VAL B 309 -23.49 24.06 -7.60
CA VAL B 309 -22.69 23.15 -8.40
C VAL B 309 -22.13 23.92 -9.57
N GLU B 310 -20.88 24.33 -9.47
CA GLU B 310 -20.20 25.01 -10.57
C GLU B 310 -20.07 24.08 -11.77
N ASP B 311 -19.94 24.66 -12.96
CA ASP B 311 -19.78 23.85 -14.16
C ASP B 311 -18.38 23.28 -14.22
N GLY B 312 -18.24 22.08 -14.77
CA GLY B 312 -16.93 21.50 -14.90
C GLY B 312 -16.92 20.02 -15.20
N LEU B 313 -15.76 19.50 -15.58
CA LEU B 313 -15.61 18.09 -15.98
C LEU B 313 -15.89 17.12 -14.83
N LYS B 314 -15.75 17.62 -13.61
CA LYS B 314 -16.02 16.85 -12.39
C LYS B 314 -17.49 16.43 -12.32
N ASN B 315 -18.37 17.15 -13.00
CA ASN B 315 -19.77 16.79 -12.98
C ASN B 315 -20.12 15.39 -13.56
N ILE B 316 -19.21 14.77 -14.30
CA ILE B 316 -19.51 13.47 -14.88
C ILE B 316 -19.60 12.41 -13.78
N ILE B 317 -18.92 12.63 -12.67
CA ILE B 317 -18.95 11.68 -11.56
C ILE B 317 -20.35 11.53 -10.99
N PRO B 318 -21.01 12.61 -10.56
CA PRO B 318 -22.41 12.53 -10.13
C PRO B 318 -23.38 12.11 -11.26
N ALA B 319 -23.04 12.44 -12.50
CA ALA B 319 -23.86 11.98 -13.61
C ALA B 319 -23.69 10.46 -13.76
N SER B 320 -22.51 9.95 -13.44
CA SER B 320 -22.23 8.54 -13.58
C SER B 320 -22.87 7.78 -12.42
N PHE B 321 -22.92 8.44 -11.28
CA PHE B 321 -23.53 7.84 -10.12
C PHE B 321 -24.99 7.68 -10.48
N HIS B 322 -25.52 8.68 -11.17
CA HIS B 322 -26.91 8.71 -11.57
C HIS B 322 -27.23 7.55 -12.51
N ASP B 323 -26.43 7.40 -13.55
CA ASP B 323 -26.63 6.34 -14.52
C ASP B 323 -26.44 4.96 -13.92
N GLY B 324 -25.42 4.82 -13.07
CA GLY B 324 -25.12 3.55 -12.47
C GLY B 324 -26.27 3.04 -11.65
N LEU B 325 -26.97 3.96 -10.99
CA LEU B 325 -28.09 3.62 -10.13
C LEU B 325 -29.28 3.19 -10.96
N LEU B 326 -29.38 3.76 -12.15
CA LEU B 326 -30.46 3.38 -13.04
C LEU B 326 -30.12 2.03 -13.63
N LEU B 327 -28.84 1.86 -13.96
CA LEU B 327 -28.33 0.62 -14.55
C LEU B 327 -28.58 -0.57 -13.62
N TYR B 328 -28.34 -0.36 -12.34
CA TYR B 328 -28.57 -1.38 -11.36
C TYR B 328 -30.06 -1.65 -11.19
N VAL B 329 -30.83 -0.59 -11.04
CA VAL B 329 -32.27 -0.74 -10.90
C VAL B 329 -32.92 -1.63 -12.01
N GLN B 330 -32.46 -1.49 -13.25
CA GLN B 330 -32.99 -2.29 -14.35
C GLN B 330 -32.60 -3.74 -14.15
N ALA B 331 -31.33 -3.95 -13.76
CA ALA B 331 -30.81 -5.31 -13.61
C ALA B 331 -31.59 -6.04 -12.54
N VAL B 332 -31.91 -5.35 -11.46
CA VAL B 332 -32.69 -5.98 -10.41
C VAL B 332 -34.04 -6.32 -10.97
N THR B 333 -34.62 -5.38 -11.71
CA THR B 333 -35.90 -5.57 -12.36
C THR B 333 -35.78 -6.80 -13.23
N GLU B 334 -34.73 -6.87 -14.04
CA GLU B 334 -34.50 -7.99 -14.94
C GLU B 334 -34.33 -9.33 -14.20
N THR B 335 -33.71 -9.25 -13.02
CA THR B 335 -33.52 -10.41 -12.16
C THR B 335 -34.88 -10.90 -11.67
N LEU B 336 -35.73 -9.94 -11.30
CA LEU B 336 -37.05 -10.24 -10.77
C LEU B 336 -37.99 -10.87 -11.83
N ALA B 337 -37.81 -10.43 -13.07
CA ALA B 337 -38.61 -10.91 -14.20
C ALA B 337 -38.40 -12.40 -14.44
N GLN B 338 -37.19 -12.88 -14.12
CA GLN B 338 -36.82 -14.28 -14.31
C GLN B 338 -36.75 -15.01 -12.98
N GLY B 339 -37.43 -14.48 -11.96
CA GLY B 339 -37.57 -15.18 -10.70
C GLY B 339 -36.62 -14.88 -9.53
N GLY B 340 -35.45 -14.30 -9.81
CA GLY B 340 -34.51 -13.99 -8.76
C GLY B 340 -35.06 -12.98 -7.78
N THR B 341 -34.42 -12.85 -6.62
CA THR B 341 -34.80 -11.83 -5.63
C THR B 341 -33.81 -10.66 -5.71
N VAL B 342 -33.98 -9.66 -4.85
CA VAL B 342 -33.11 -8.48 -4.87
C VAL B 342 -31.77 -8.73 -4.20
N THR B 343 -31.67 -9.78 -3.40
CA THR B 343 -30.42 -10.08 -2.72
C THR B 343 -29.58 -11.13 -3.46
N ASP B 344 -29.69 -11.13 -4.79
CA ASP B 344 -28.92 -12.05 -5.61
C ASP B 344 -27.81 -11.25 -6.28
N GLY B 345 -26.81 -10.90 -5.47
CA GLY B 345 -25.66 -10.14 -5.92
C GLY B 345 -25.10 -10.65 -7.23
N GLU B 346 -24.59 -11.87 -7.21
CA GLU B 346 -23.99 -12.41 -8.42
C GLU B 346 -24.88 -12.20 -9.65
N ASN B 347 -26.14 -12.66 -9.56
CA ASN B 347 -27.10 -12.59 -10.67
C ASN B 347 -27.23 -11.18 -11.19
N ILE B 348 -27.52 -10.23 -10.30
CA ILE B 348 -27.70 -8.81 -10.66
C ILE B 348 -26.46 -8.15 -11.26
N THR B 349 -25.32 -8.35 -10.60
CA THR B 349 -24.05 -7.85 -11.08
C THR B 349 -23.78 -8.31 -12.51
N GLN B 350 -23.95 -9.60 -12.76
CA GLN B 350 -23.60 -10.18 -14.05
C GLN B 350 -24.45 -9.66 -15.18
N ARG B 351 -25.67 -9.26 -14.83
CA ARG B 351 -26.61 -8.66 -15.77
C ARG B 351 -26.12 -7.27 -16.12
N MET B 352 -25.38 -6.65 -15.20
CA MET B 352 -24.85 -5.32 -15.42
C MET B 352 -23.54 -5.33 -16.19
N TRP B 353 -22.81 -6.44 -16.15
CA TRP B 353 -21.50 -6.47 -16.81
C TRP B 353 -21.62 -6.76 -18.31
N ASN B 354 -20.61 -6.35 -19.09
CA ASN B 354 -20.60 -6.57 -20.54
C ASN B 354 -21.93 -6.13 -21.18
N ARG B 355 -22.35 -4.92 -20.89
CA ARG B 355 -23.65 -4.42 -21.29
C ARG B 355 -23.57 -2.96 -21.62
N SER B 356 -24.24 -2.53 -22.69
CA SER B 356 -24.31 -1.11 -23.06
C SER B 356 -25.61 -0.54 -22.53
N PHE B 357 -25.58 0.74 -22.17
CA PHE B 357 -26.73 1.39 -21.56
C PHE B 357 -26.83 2.83 -22.02
N GLN B 358 -28.03 3.40 -22.00
CA GLN B 358 -28.20 4.79 -22.38
C GLN B 358 -28.57 5.62 -21.17
N GLY B 359 -27.61 6.44 -20.70
CA GLY B 359 -27.81 7.30 -19.53
C GLY B 359 -27.65 8.77 -19.83
N VAL B 360 -27.80 9.64 -18.84
CA VAL B 360 -27.61 11.08 -19.08
C VAL B 360 -26.24 11.36 -19.70
N THR B 361 -25.20 10.62 -19.28
CA THR B 361 -23.87 10.70 -19.88
C THR B 361 -23.86 10.15 -21.30
N GLY B 362 -24.96 9.49 -21.68
CA GLY B 362 -25.06 8.96 -23.02
C GLY B 362 -24.72 7.47 -23.11
N TYR B 363 -23.88 7.14 -24.09
CA TYR B 363 -23.49 5.77 -24.29
C TYR B 363 -22.51 5.37 -23.23
N LEU B 364 -22.94 4.48 -22.35
CA LEU B 364 -22.02 3.93 -21.37
C LEU B 364 -21.99 2.41 -21.53
N LYS B 365 -20.78 1.88 -21.65
CA LYS B 365 -20.59 0.44 -21.77
C LYS B 365 -19.78 -0.08 -20.57
N ILE B 366 -20.37 -1.01 -19.83
CA ILE B 366 -19.70 -1.68 -18.73
C ILE B 366 -18.96 -2.85 -19.34
N ASP B 367 -17.65 -2.98 -19.14
CA ASP B 367 -16.92 -4.07 -19.79
C ASP B 367 -17.13 -5.46 -19.19
N ARG B 368 -16.34 -6.43 -19.64
CA ARG B 368 -16.49 -7.82 -19.18
C ARG B 368 -16.03 -7.96 -17.72
N ASN B 369 -15.28 -6.96 -17.29
CA ASN B 369 -14.68 -6.93 -15.96
C ASN B 369 -15.46 -6.14 -14.90
N GLY B 370 -16.49 -5.41 -15.32
CA GLY B 370 -17.33 -4.64 -14.43
C GLY B 370 -17.04 -3.15 -14.39
N ASP B 371 -16.30 -2.64 -15.38
CA ASP B 371 -15.92 -1.23 -15.39
C ASP B 371 -16.39 -0.48 -16.62
N ARG B 372 -16.83 0.76 -16.43
CA ARG B 372 -17.27 1.64 -17.52
C ARG B 372 -16.12 2.00 -18.44
N ASP B 373 -16.31 1.82 -19.74
CA ASP B 373 -15.29 2.20 -20.70
C ASP B 373 -15.22 3.70 -20.65
N THR B 374 -14.02 4.25 -20.65
CA THR B 374 -13.87 5.69 -20.48
C THR B 374 -13.43 6.34 -21.76
N ASP B 375 -14.05 7.47 -22.08
CA ASP B 375 -13.67 8.22 -23.26
C ASP B 375 -12.78 9.36 -22.77
N PHE B 376 -11.82 9.73 -23.61
CA PHE B 376 -10.85 10.79 -23.31
C PHE B 376 -10.69 11.77 -24.47
N SER B 377 -10.54 13.05 -24.15
CA SER B 377 -10.29 14.08 -25.18
C SER B 377 -8.85 14.57 -25.09
N LEU B 378 -8.19 14.73 -26.23
CA LEU B 378 -6.84 15.25 -26.25
C LEU B 378 -6.84 16.67 -26.76
N TRP B 379 -6.65 17.62 -25.84
CA TRP B 379 -6.57 19.03 -26.24
C TRP B 379 -5.21 19.38 -26.82
N ASP B 380 -5.19 20.43 -27.65
CA ASP B 380 -3.97 20.85 -28.35
C ASP B 380 -4.02 22.34 -28.66
N MET B 381 -2.86 22.93 -28.91
CA MET B 381 -2.77 24.35 -29.22
C MET B 381 -2.99 24.64 -30.70
N ASP B 382 -3.53 25.83 -30.98
CA ASP B 382 -3.77 26.29 -32.34
C ASP B 382 -2.52 26.99 -32.91
N PRO B 383 -1.98 26.44 -33.99
CA PRO B 383 -0.85 27.06 -34.69
C PRO B 383 -1.19 28.52 -35.04
N GLU B 384 -2.47 28.86 -35.10
CA GLU B 384 -2.91 30.22 -35.41
C GLU B 384 -3.16 31.05 -34.15
N THR B 385 -4.17 30.67 -33.36
CA THR B 385 -4.53 31.44 -32.16
C THR B 385 -3.72 31.04 -30.93
N GLY B 386 -3.39 29.75 -30.81
CA GLY B 386 -2.62 29.26 -29.68
C GLY B 386 -3.46 28.79 -28.50
N ALA B 387 -4.78 28.92 -28.64
CA ALA B 387 -5.70 28.50 -27.59
C ALA B 387 -5.92 27.00 -27.70
N PHE B 388 -5.96 26.32 -26.57
CA PHE B 388 -6.14 24.87 -26.57
C PHE B 388 -7.60 24.53 -26.81
N ARG B 389 -7.79 23.47 -27.58
CA ARG B 389 -9.11 22.97 -27.94
C ARG B 389 -9.03 21.54 -28.44
N VAL B 390 -9.98 20.71 -28.02
CA VAL B 390 -10.05 19.29 -28.37
C VAL B 390 -9.72 19.05 -29.85
N VAL B 391 -8.66 18.30 -30.11
CA VAL B 391 -8.28 17.98 -31.49
C VAL B 391 -8.44 16.49 -31.76
N LEU B 392 -8.46 15.72 -30.68
CA LEU B 392 -8.63 14.28 -30.80
C LEU B 392 -9.69 13.73 -29.85
N ASN B 393 -10.20 12.55 -30.20
CA ASN B 393 -11.21 11.93 -29.38
C ASN B 393 -11.08 10.41 -29.44
N TYR B 394 -11.12 9.79 -28.26
CA TYR B 394 -10.94 8.36 -28.14
C TYR B 394 -12.21 7.72 -27.63
N ASN B 395 -12.76 6.79 -28.41
CA ASN B 395 -13.94 6.04 -28.00
C ASN B 395 -13.51 4.85 -27.13
N GLY B 396 -13.89 4.91 -25.86
CA GLY B 396 -13.49 3.91 -24.91
C GLY B 396 -13.81 2.52 -25.34
N THR B 397 -15.04 2.34 -25.83
CA THR B 397 -15.49 1.03 -26.26
C THR B 397 -14.94 0.64 -27.62
N SER B 398 -14.88 1.61 -28.53
CA SER B 398 -14.40 1.38 -29.89
C SER B 398 -12.89 1.32 -29.95
N GLN B 399 -12.27 1.91 -28.92
CA GLN B 399 -10.83 1.89 -28.77
C GLN B 399 -10.16 2.60 -29.94
N GLU B 400 -10.97 3.18 -30.81
CA GLU B 400 -10.44 3.89 -31.96
C GLU B 400 -10.46 5.40 -31.75
N LEU B 401 -9.55 6.08 -32.41
CA LEU B 401 -9.44 7.52 -32.31
C LEU B 401 -10.00 8.20 -33.52
N MET B 402 -10.74 9.28 -33.29
CA MET B 402 -11.36 10.06 -34.37
C MET B 402 -11.02 11.53 -34.19
N ALA B 403 -10.62 12.17 -35.29
CA ALA B 403 -10.26 13.59 -35.29
C ALA B 403 -11.50 14.45 -35.04
N VAL B 404 -11.32 15.70 -34.62
CA VAL B 404 -12.46 16.59 -34.37
C VAL B 404 -12.40 17.87 -35.20
N SER B 405 -13.47 18.15 -35.92
CA SER B 405 -13.56 19.31 -36.83
C SER B 405 -12.39 19.26 -37.81
N GLU B 406 -12.08 18.05 -38.27
CA GLU B 406 -10.98 17.77 -39.21
C GLU B 406 -9.65 18.42 -38.83
N HIS B 407 -9.35 18.43 -37.52
CA HIS B 407 -8.13 19.04 -36.99
C HIS B 407 -6.91 18.15 -37.18
N LYS B 408 -5.73 18.73 -36.94
CA LYS B 408 -4.46 18.00 -37.03
C LYS B 408 -3.57 18.37 -35.84
N LEU B 409 -2.95 17.36 -35.24
CA LEU B 409 -2.09 17.61 -34.09
C LEU B 409 -0.83 18.35 -34.53
N TYR B 410 -0.52 19.45 -33.85
CA TYR B 410 0.67 20.23 -34.18
C TYR B 410 1.98 19.44 -33.98
N TRP B 411 2.84 19.46 -35.00
CA TRP B 411 4.19 18.89 -34.92
C TRP B 411 5.14 19.85 -35.62
N PRO B 412 6.06 20.44 -34.85
CA PRO B 412 6.99 21.47 -35.37
C PRO B 412 7.80 21.01 -36.58
N LEU B 413 8.19 19.74 -36.61
CA LEU B 413 9.01 19.18 -37.69
C LEU B 413 8.19 18.35 -38.68
N GLY B 414 6.91 18.70 -38.83
CA GLY B 414 6.03 17.99 -39.74
C GLY B 414 5.47 16.71 -39.14
N TYR B 415 6.31 15.69 -39.04
CA TYR B 415 5.90 14.42 -38.43
C TYR B 415 6.24 14.39 -36.93
N PRO B 416 5.37 13.75 -36.14
CA PRO B 416 5.57 13.66 -34.69
C PRO B 416 6.99 13.25 -34.37
N PRO B 417 7.59 13.85 -33.33
CA PRO B 417 8.96 13.55 -32.93
C PRO B 417 9.10 12.09 -32.53
N PRO B 418 10.25 11.50 -32.83
CA PRO B 418 10.48 10.08 -32.54
C PRO B 418 10.56 9.87 -31.03
N ASP B 419 10.10 8.71 -30.58
CA ASP B 419 10.16 8.38 -29.16
C ASP B 419 11.55 7.83 -28.76
N VAL B 420 12.55 8.13 -29.59
CA VAL B 420 13.93 7.70 -29.37
C VAL B 420 14.81 8.79 -29.98
N PRO B 421 16.01 9.01 -29.42
CA PRO B 421 16.95 9.99 -29.98
C PRO B 421 17.72 9.44 -31.18
N LYS B 422 18.46 10.31 -31.85
CA LYS B 422 19.24 9.97 -33.04
C LYS B 422 20.25 8.81 -32.87
N CYS B 423 21.00 8.83 -31.77
CA CYS B 423 22.03 7.80 -31.53
C CYS B 423 21.76 6.97 -30.28
N GLY B 424 20.56 7.12 -29.71
CA GLY B 424 20.21 6.45 -28.47
C GLY B 424 20.28 7.46 -27.33
N PHE B 425 19.59 7.18 -26.22
CA PHE B 425 19.54 8.12 -25.10
C PHE B 425 20.93 8.45 -24.53
N CYS C 1 8.50 3.60 -3.76
N CYS C 1 6.80 -0.19 -7.21
CA CYS C 1 7.49 2.75 -3.06
CA CYS C 1 5.68 0.06 -6.27
C CYS C 1 7.64 2.71 -1.54
C CYS C 1 4.33 0.14 -7.01
N PHE C 2 8.90 3.00 -1.06
N PHE C 2 4.42 0.00 -8.38
CA PHE C 2 9.17 2.86 0.37
CA PHE C 2 3.26 0.06 -9.28
C PHE C 2 8.77 4.11 1.13
C PHE C 2 2.67 -1.32 -9.52
N GLY C 3 8.08 4.99 0.46
N GLY C 3 3.17 -2.29 -8.83
CA GLY C 3 7.59 6.17 1.12
CA GLY C 3 2.62 -3.61 -8.96
C GLY C 3 6.81 5.64 2.32
C GLY C 3 1.22 -3.50 -8.41
N GLY C 4 7.11 4.38 2.55
N GLY C 4 0.77 -2.25 -8.44
CA GLY C 4 6.48 3.63 3.66
CA GLY C 4 -0.55 -1.84 -7.95
C GLY C 4 5.16 4.29 4.05
C GLY C 4 -1.17 -2.99 -7.17
N ARG C 5 4.89 4.23 5.34
N ARG C 5 -2.42 -3.18 -7.49
CA ARG C 5 3.67 4.80 5.95
CA ARG C 5 -3.25 -4.25 -6.90
C ARG C 5 2.55 4.89 4.92
C ARG C 5 -2.81 -4.54 -5.47
N ILE C 6 2.57 4.00 3.87
N ILE C 6 -1.90 -3.77 -4.90
CA ILE C 6 1.54 3.81 2.85
CA ILE C 6 -1.42 -3.72 -3.51
C ILE C 6 0.72 2.56 3.10
C ILE C 6 -2.21 -2.72 -2.68
N ASP C 7 0.88 2.02 4.28
N ASP C 7 -3.28 -2.28 -3.21
CA ASP C 7 0.17 0.82 4.66
CA ASP C 7 -4.11 -1.34 -2.50
C ASP C 7 -1.32 1.00 4.34
C ASP C 7 -4.19 -1.75 -1.03
N ARG C 8 -1.65 2.29 4.33
N ARG C 8 -4.00 -3.08 -0.89
CA ARG C 8 -3.05 2.65 4.08
CA ARG C 8 -4.10 -3.68 0.44
C ARG C 8 -3.58 1.57 3.15
C ARG C 8 -3.72 -2.59 1.43
N ILE C 9 -4.40 0.67 3.68
N ILE C 9 -4.72 -2.10 2.17
CA ILE C 9 -4.90 -0.44 2.88
CA ILE C 9 -4.47 -1.02 3.11
C ILE C 9 -3.91 -0.60 1.72
C ILE C 9 -3.13 -0.44 2.70
N GLY C 10 -2.68 -0.90 2.13
N GLY C 10 -3.11 0.07 1.47
CA GLY C 10 -1.55 -1.02 1.23
CA GLY C 10 -1.92 0.70 0.91
C GLY C 10 -1.63 -2.11 0.18
C GLY C 10 -1.22 1.69 1.82
N ALA C 11 -2.36 -3.18 0.47
N ALA C 11 -2.00 2.42 2.62
CA ALA C 11 -2.51 -4.26 -0.50
CA ALA C 11 -1.43 3.38 3.56
C ALA C 11 -2.24 -3.62 -1.86
C ALA C 11 0.03 3.06 3.72
N GLN C 12 -2.78 -2.42 -2.06
N GLN C 12 0.31 1.77 3.94
CA GLN C 12 -2.51 -1.67 -3.27
CA GLN C 12 1.69 1.28 4.10
C GLN C 12 -1.01 -1.74 -3.62
C GLN C 12 2.61 1.65 2.92
N SER C 13 -0.64 -2.77 -4.38
N SER C 13 2.89 2.96 2.83
CA SER C 13 0.72 -3.06 -4.81
CA SER C 13 3.72 3.61 1.82
C SER C 13 1.26 -2.20 -5.97
C SER C 13 5.22 3.27 1.85
N GLY C 14 1.30 -2.77 -7.18
N GLY C 14 6.05 4.32 1.93
CA GLY C 14 1.84 -2.09 -8.35
CA GLY C 14 7.51 4.16 1.94
C GLY C 14 3.35 -2.25 -8.52
C GLY C 14 8.28 4.77 0.77
N LEU C 15 4.05 -1.18 -8.87
N LEU C 15 8.45 4.01 -0.31
CA LEU C 15 5.52 -1.19 -9.01
CA LEU C 15 9.14 4.46 -1.54
C LEU C 15 6.11 0.18 -8.70
C LEU C 15 9.49 3.28 -2.47
N GLY C 16 5.82 1.17 -9.56
N GLY C 16 10.27 2.31 -1.95
CA GLY C 16 6.30 2.54 -9.42
CA GLY C 16 10.75 1.12 -2.66
C GLY C 16 7.09 2.76 -8.16
C GLY C 16 10.06 0.89 -3.97
N CYS C 17 8.42 2.68 -8.25
N CYS C 17 10.67 1.34 -5.10
CA CYS C 17 9.29 2.71 -7.07
CA CYS C 17 9.90 1.36 -6.35
C CYS C 17 10.38 3.80 -7.03
C CYS C 17 10.71 0.77 -7.54
N ASN C 18 10.35 4.74 -7.95
N ASN C 18 11.57 -0.27 -7.26
CA ASN C 18 11.40 5.76 -8.04
CA ASN C 18 12.41 -0.75 -8.36
C ASN C 18 11.00 7.16 -7.66
C ASN C 18 12.48 -2.28 -8.41
N SER C 19 11.94 7.89 -7.05
N SER C 19 12.36 -2.73 -9.62
CA SER C 19 11.74 9.27 -6.65
CA SER C 19 12.40 -4.14 -10.01
C SER C 19 13.09 9.84 -6.26
C SER C 19 12.55 -4.22 -11.52
N PHE C 20 13.14 10.56 -5.13
N PHE C 20 11.81 -5.10 -12.09
CA PHE C 20 14.42 11.07 -4.67
CA PHE C 20 11.78 -5.26 -13.53
C PHE C 20 14.36 11.80 -3.32
C PHE C 20 10.44 -5.87 -13.92
N ARG C 21 13.17 12.22 -2.90
N ARG C 21 9.97 -6.77 -13.07
CA ARG C 21 13.04 12.93 -1.64
CA ARG C 21 8.69 -7.44 -13.27
C ARG C 21 14.14 13.99 -1.59
C ARG C 21 8.80 -8.45 -14.42
#